data_7U21
#
_entry.id   7U21
#
_cell.length_a   58.481
_cell.length_b   84.647
_cell.length_c   84.323
_cell.angle_alpha   90.000
_cell.angle_beta   90.000
_cell.angle_gamma   90.000
#
_symmetry.space_group_name_H-M   'P 1 21 1'
#
loop_
_entity.id
_entity.type
_entity.pdbx_description
1 polymer 'MHC class I antigen, A-2 alpha chain'
2 polymer Beta-2-microglobulin
3 polymer 'PGM5 peptide (465-473) (H5Y)'
4 water water
#
loop_
_entity_poly.entity_id
_entity_poly.type
_entity_poly.pdbx_seq_one_letter_code
_entity_poly.pdbx_strand_id
1 'polypeptide(L)'
;GSHSMRYFFTSVSRPGRGEPRFIAVGYVDDTQFVRFDSDAASQRMEPRAPWIEQEGPEYWDGETRKVKAHSQTHRVDLGT
LRGYYNQSEAGSHTVQRMYGCDVGSDWRFLRGYHQYAYDGKDYIALKEDLRSWTAADMAAQTTKHKWEAAHVAEQLRAYL
EGTCVEWLRRYLENGKETLQRTDAPKTHMTHHAVSDHEATLRCWALSFYPAEITLTWQRDGEDQTQDTELVETRPAGDGT
FQKWAAVVVPSGQEQRYTCHVQHEGLPKPLTLRWE
;
A,D
2 'polypeptide(L)'
;MIQRTPKIQVYSRHPAENGKSNFLNCYVSGFHPSDIEVDLLKNGERIEKVEHSDLSFSKDWSFYLLYYTEFTPTEKDEYA
CRVNHVTLSQPKIVKWDRDM
;
B,E
3 'polypeptide(L)' AVGSYVYSV C,F
#
# COMPACT_ATOMS: atom_id res chain seq x y z
N GLY A 1 4.78 7.05 0.02
CA GLY A 1 3.34 7.01 -0.17
C GLY A 1 2.87 5.74 -0.86
N SER A 2 1.70 5.81 -1.49
CA SER A 2 1.14 4.66 -2.18
C SER A 2 1.78 4.48 -3.56
N HIS A 3 1.73 3.24 -4.06
CA HIS A 3 2.30 2.93 -5.36
C HIS A 3 1.43 1.91 -6.08
N SER A 4 1.66 1.77 -7.37
CA SER A 4 0.87 0.82 -8.13
C SER A 4 1.64 0.36 -9.35
N MET A 5 1.23 -0.81 -9.84
CA MET A 5 1.72 -1.40 -11.07
C MET A 5 0.52 -1.67 -11.96
N ARG A 6 0.67 -1.39 -13.24
CA ARG A 6 -0.45 -1.61 -14.16
C ARG A 6 0.06 -2.07 -15.52
N TYR A 7 -0.60 -3.07 -16.08
CA TYR A 7 -0.31 -3.51 -17.43
C TYR A 7 -1.49 -3.17 -18.31
N PHE A 8 -1.21 -2.67 -19.51
CA PHE A 8 -2.23 -2.27 -20.48
C PHE A 8 -2.03 -3.08 -21.75
N PHE A 9 -3.11 -3.67 -22.25
CA PHE A 9 -3.06 -4.47 -23.47
C PHE A 9 -4.08 -3.98 -24.49
N THR A 10 -3.64 -3.76 -25.73
CA THR A 10 -4.52 -3.34 -26.82
C THR A 10 -4.38 -4.31 -27.98
N SER A 11 -5.52 -4.87 -28.43
CA SER A 11 -5.56 -5.70 -29.64
C SER A 11 -6.55 -5.10 -30.62
N VAL A 12 -6.13 -4.99 -31.88
CA VAL A 12 -6.94 -4.42 -32.95
C VAL A 12 -6.99 -5.42 -34.09
N SER A 13 -8.19 -5.86 -34.45
CA SER A 13 -8.30 -6.66 -35.65
C SER A 13 -8.11 -5.77 -36.87
N ARG A 14 -7.53 -6.34 -37.93
CA ARG A 14 -7.32 -5.62 -39.18
C ARG A 14 -7.63 -6.60 -40.31
N PRO A 15 -8.90 -6.74 -40.66
CA PRO A 15 -9.32 -7.80 -41.58
C PRO A 15 -8.60 -7.68 -42.92
N GLY A 16 -8.05 -8.81 -43.38
CA GLY A 16 -7.35 -8.87 -44.64
C GLY A 16 -6.03 -8.11 -44.59
N ARG A 17 -5.65 -7.52 -43.47
CA ARG A 17 -4.42 -6.72 -43.42
C ARG A 17 -3.44 -7.40 -42.46
N GLY A 18 -3.61 -8.70 -42.25
CA GLY A 18 -2.73 -9.44 -41.37
C GLY A 18 -3.43 -9.80 -40.07
N GLU A 19 -2.67 -10.48 -39.21
CA GLU A 19 -3.15 -10.84 -37.89
C GLU A 19 -3.38 -9.56 -37.06
N PRO A 20 -4.21 -9.65 -36.02
CA PRO A 20 -4.49 -8.45 -35.22
C PRO A 20 -3.24 -7.86 -34.60
N ARG A 21 -3.22 -6.54 -34.49
CA ARG A 21 -2.11 -5.88 -33.81
C ARG A 21 -2.28 -6.05 -32.31
N PHE A 22 -1.16 -6.31 -31.63
CA PHE A 22 -1.16 -6.47 -30.19
C PHE A 22 -0.07 -5.59 -29.61
N ILE A 23 -0.41 -4.76 -28.63
CA ILE A 23 0.55 -3.89 -27.96
C ILE A 23 0.33 -3.99 -26.46
N ALA A 24 1.37 -4.36 -25.73
CA ALA A 24 1.33 -4.42 -24.28
C ALA A 24 2.34 -3.45 -23.69
N VAL A 25 1.98 -2.83 -22.57
CA VAL A 25 2.85 -1.88 -21.90
C VAL A 25 2.64 -2.01 -20.39
N GLY A 26 3.74 -1.88 -19.65
CA GLY A 26 3.69 -1.95 -18.19
C GLY A 26 4.19 -0.66 -17.57
N TYR A 27 3.56 -0.25 -16.47
CA TYR A 27 3.88 0.96 -15.74
C TYR A 27 4.04 0.64 -14.27
N VAL A 28 4.97 1.31 -13.60
CA VAL A 28 4.92 1.48 -12.15
C VAL A 28 4.61 2.95 -11.91
N ASP A 29 3.47 3.22 -11.29
CA ASP A 29 2.92 4.58 -11.17
C ASP A 29 2.86 5.22 -12.56
N ASP A 30 3.52 6.36 -12.76
CA ASP A 30 3.51 7.02 -14.07
C ASP A 30 4.80 6.81 -14.84
N THR A 31 5.51 5.72 -14.58
CA THR A 31 6.77 5.43 -15.25
C THR A 31 6.65 4.10 -15.99
N GLN A 32 6.79 4.14 -17.31
CA GLN A 32 6.74 2.90 -18.08
C GLN A 32 8.05 2.14 -17.95
N PHE A 33 7.95 0.80 -17.98
CA PHE A 33 9.19 0.01 -17.90
C PHE A 33 9.27 -1.19 -18.84
N VAL A 34 8.19 -1.64 -19.47
CA VAL A 34 8.26 -2.72 -20.46
C VAL A 34 7.28 -2.46 -21.58
N ARG A 35 7.58 -3.05 -22.73
CA ARG A 35 6.68 -3.03 -23.88
C ARG A 35 6.79 -4.34 -24.63
N PHE A 36 5.71 -4.69 -25.32
CA PHE A 36 5.70 -5.70 -26.37
C PHE A 36 4.86 -5.15 -27.52
N ASP A 37 5.41 -5.24 -28.74
CA ASP A 37 4.68 -4.83 -29.94
C ASP A 37 4.73 -5.97 -30.94
N SER A 38 3.56 -6.41 -31.37
CA SER A 38 3.43 -7.56 -32.27
C SER A 38 4.01 -7.29 -33.64
N ASP A 39 4.20 -6.03 -34.02
CA ASP A 39 4.67 -5.72 -35.35
C ASP A 39 6.17 -5.45 -35.43
N ALA A 40 6.83 -5.30 -34.28
CA ALA A 40 8.29 -5.16 -34.25
C ALA A 40 8.96 -6.50 -34.51
N ALA A 41 10.22 -6.44 -34.96
CA ALA A 41 10.92 -7.66 -35.36
C ALA A 41 11.38 -8.49 -34.17
N SER A 42 11.63 -7.86 -33.02
CA SER A 42 12.19 -8.58 -31.85
C SER A 42 11.30 -9.74 -31.41
N GLN A 43 10.01 -9.48 -31.35
CA GLN A 43 9.04 -10.46 -30.82
C GLN A 43 9.34 -10.83 -29.37
N ARG A 44 9.95 -9.92 -28.62
CA ARG A 44 10.30 -10.14 -27.22
C ARG A 44 9.69 -9.03 -26.37
N MET A 45 9.46 -9.32 -25.09
CA MET A 45 9.20 -8.25 -24.14
C MET A 45 10.50 -7.45 -23.97
N GLU A 46 10.40 -6.13 -23.97
CA GLU A 46 11.58 -5.30 -24.04
C GLU A 46 11.62 -4.29 -22.90
N PRO A 47 12.82 -3.94 -22.43
CA PRO A 47 12.93 -2.92 -21.38
C PRO A 47 12.61 -1.54 -21.93
N ARG A 48 11.96 -0.73 -21.08
CA ARG A 48 11.69 0.67 -21.41
C ARG A 48 12.07 1.60 -20.27
N ALA A 49 12.84 1.11 -19.29
CA ALA A 49 13.34 1.90 -18.19
C ALA A 49 14.68 1.29 -17.80
N PRO A 50 15.67 2.12 -17.45
CA PRO A 50 17.00 1.56 -17.16
C PRO A 50 17.01 0.60 -15.99
N TRP A 51 16.16 0.80 -14.99
CA TRP A 51 16.22 -0.01 -13.79
C TRP A 51 15.65 -1.41 -13.97
N ILE A 52 15.01 -1.71 -15.11
CA ILE A 52 14.52 -3.06 -15.37
C ILE A 52 15.53 -3.87 -16.18
N GLU A 53 16.54 -3.22 -16.77
CA GLU A 53 17.50 -3.95 -17.59
C GLU A 53 18.31 -4.96 -16.79
N GLN A 54 18.40 -4.79 -15.47
CA GLN A 54 19.18 -5.72 -14.65
C GLN A 54 18.54 -7.10 -14.54
N GLU A 55 17.26 -7.24 -14.88
CA GLU A 55 16.60 -8.53 -14.81
C GLU A 55 17.25 -9.53 -15.76
N GLY A 56 17.24 -10.80 -15.38
CA GLY A 56 18.03 -11.80 -16.06
C GLY A 56 17.32 -12.44 -17.24
N PRO A 57 17.99 -13.38 -17.90
CA PRO A 57 17.37 -14.02 -19.08
C PRO A 57 16.11 -14.78 -18.74
N GLU A 58 16.02 -15.38 -17.55
CA GLU A 58 14.79 -16.06 -17.15
C GLU A 58 13.61 -15.10 -17.11
N TYR A 59 13.85 -13.89 -16.60
CA TYR A 59 12.80 -12.88 -16.57
C TYR A 59 12.30 -12.58 -17.98
N TRP A 60 13.22 -12.20 -18.87
CA TRP A 60 12.81 -11.78 -20.22
C TRP A 60 12.24 -12.94 -21.04
N ASP A 61 12.78 -14.15 -20.86
CA ASP A 61 12.18 -15.30 -21.55
C ASP A 61 10.78 -15.58 -21.03
N GLY A 62 10.59 -15.49 -19.71
CA GLY A 62 9.28 -15.77 -19.14
C GLY A 62 8.26 -14.69 -19.45
N GLU A 63 8.66 -13.43 -19.30
CA GLU A 63 7.75 -12.33 -19.65
C GLU A 63 7.35 -12.39 -21.11
N THR A 64 8.27 -12.79 -21.98
CA THR A 64 7.96 -12.85 -23.40
C THR A 64 6.93 -13.94 -23.66
N ARG A 65 7.13 -15.13 -23.07
CA ARG A 65 6.21 -16.25 -23.28
C ARG A 65 4.81 -15.92 -22.75
N LYS A 66 4.72 -15.32 -21.57
CA LYS A 66 3.40 -15.04 -21.00
C LYS A 66 2.67 -13.95 -21.78
N VAL A 67 3.40 -12.95 -22.29
CA VAL A 67 2.73 -11.89 -23.02
C VAL A 67 2.28 -12.36 -24.41
N LYS A 68 2.99 -13.32 -24.99
CA LYS A 68 2.49 -13.89 -26.27
C LYS A 68 1.23 -14.70 -25.95
N ALA A 69 1.17 -15.31 -24.75
CA ALA A 69 -0.04 -16.03 -24.36
C ALA A 69 -1.21 -15.06 -24.22
N HIS A 70 -0.96 -13.89 -23.66
CA HIS A 70 -1.97 -12.83 -23.67
C HIS A 70 -2.39 -12.50 -25.10
N SER A 71 -1.41 -12.37 -26.01
CA SER A 71 -1.70 -12.03 -27.40
C SER A 71 -2.62 -13.05 -28.03
N GLN A 72 -2.33 -14.35 -27.82
CA GLN A 72 -3.15 -15.39 -28.45
C GLN A 72 -4.58 -15.39 -27.92
N THR A 73 -4.74 -15.19 -26.61
CA THR A 73 -6.09 -15.16 -26.05
C THR A 73 -6.91 -14.03 -26.66
N HIS A 74 -6.30 -12.85 -26.83
CA HIS A 74 -7.00 -11.73 -27.46
C HIS A 74 -7.36 -12.02 -28.91
N ARG A 75 -6.53 -12.80 -29.60
CA ARG A 75 -6.85 -13.22 -30.99
C ARG A 75 -8.11 -14.08 -30.96
N VAL A 76 -8.15 -15.03 -30.03
CA VAL A 76 -9.37 -15.83 -29.86
C VAL A 76 -10.54 -14.93 -29.50
N ASP A 77 -10.34 -14.00 -28.56
CA ASP A 77 -11.41 -13.12 -28.11
C ASP A 77 -12.05 -12.34 -29.25
N LEU A 78 -11.23 -11.80 -30.16
CA LEU A 78 -11.78 -10.97 -31.25
C LEU A 78 -12.78 -11.76 -32.08
N GLY A 79 -12.50 -13.04 -32.34
CA GLY A 79 -13.47 -13.89 -33.00
C GLY A 79 -14.69 -14.18 -32.12
N THR A 80 -14.44 -14.48 -30.84
CA THR A 80 -15.55 -14.76 -29.93
C THR A 80 -16.51 -13.58 -29.85
N LEU A 81 -15.97 -12.38 -29.73
CA LEU A 81 -16.81 -11.19 -29.58
C LEU A 81 -17.60 -10.90 -30.85
N ARG A 82 -17.02 -11.18 -32.03
CA ARG A 82 -17.78 -11.05 -33.27
C ARG A 82 -19.04 -11.91 -33.24
N GLY A 83 -18.90 -13.14 -32.73
CA GLY A 83 -20.05 -14.03 -32.65
C GLY A 83 -21.07 -13.56 -31.63
N TYR A 84 -20.59 -13.09 -30.47
CA TYR A 84 -21.51 -12.58 -29.46
C TYR A 84 -22.36 -11.44 -30.02
N TYR A 85 -21.73 -10.52 -30.76
CA TYR A 85 -22.39 -9.31 -31.21
C TYR A 85 -22.89 -9.39 -32.66
N ASN A 86 -22.76 -10.55 -33.29
CA ASN A 86 -23.22 -10.79 -34.67
C ASN A 86 -22.64 -9.75 -35.65
N GLN A 87 -21.31 -9.63 -35.64
CA GLN A 87 -20.62 -8.64 -36.45
C GLN A 87 -19.87 -9.33 -37.60
N SER A 88 -19.78 -8.64 -38.73
CA SER A 88 -19.15 -9.20 -39.92
C SER A 88 -17.63 -9.22 -39.77
N GLU A 89 -16.97 -9.98 -40.65
CA GLU A 89 -15.51 -10.06 -40.59
C GLU A 89 -14.87 -8.77 -41.08
N ALA A 90 -15.56 -8.01 -41.93
CA ALA A 90 -14.91 -6.88 -42.61
C ALA A 90 -14.46 -5.80 -41.63
N GLY A 91 -15.18 -5.59 -40.53
CA GLY A 91 -14.90 -4.46 -39.67
C GLY A 91 -13.73 -4.70 -38.72
N SER A 92 -13.04 -3.60 -38.39
CA SER A 92 -11.98 -3.62 -37.40
C SER A 92 -12.55 -3.36 -36.02
N HIS A 93 -12.12 -4.15 -35.03
CA HIS A 93 -12.64 -4.01 -33.67
C HIS A 93 -11.47 -3.96 -32.69
N THR A 94 -11.76 -3.48 -31.48
CA THR A 94 -10.74 -3.20 -30.47
C THR A 94 -11.06 -3.89 -29.16
N VAL A 95 -10.05 -4.56 -28.63
CA VAL A 95 -10.14 -5.18 -27.28
C VAL A 95 -9.06 -4.50 -26.43
N GLN A 96 -9.41 -4.14 -25.21
CA GLN A 96 -8.45 -3.54 -24.29
C GLN A 96 -8.59 -4.21 -22.93
N ARG A 97 -7.44 -4.47 -22.30
CA ARG A 97 -7.39 -5.06 -20.97
C ARG A 97 -6.38 -4.32 -20.12
N MET A 98 -6.75 -4.04 -18.87
CA MET A 98 -5.84 -3.40 -17.95
C MET A 98 -5.97 -4.12 -16.62
N TYR A 99 -4.85 -4.47 -16.01
CA TYR A 99 -4.89 -5.06 -14.67
C TYR A 99 -3.65 -4.64 -13.90
N GLY A 100 -3.72 -4.80 -12.58
CA GLY A 100 -2.61 -4.44 -11.72
C GLY A 100 -3.05 -4.33 -10.28
N CYS A 101 -2.15 -3.80 -9.45
CA CYS A 101 -2.34 -3.76 -8.01
C CYS A 101 -1.82 -2.44 -7.45
N ASP A 102 -2.42 -2.01 -6.35
CA ASP A 102 -1.96 -0.88 -5.55
C ASP A 102 -1.45 -1.38 -4.21
N VAL A 103 -0.41 -0.72 -3.70
CA VAL A 103 0.06 -0.96 -2.33
C VAL A 103 0.03 0.36 -1.57
N GLY A 104 -0.04 0.26 -0.25
CA GLY A 104 -0.15 1.41 0.62
C GLY A 104 1.20 1.91 1.11
N SER A 105 1.16 2.69 2.19
CA SER A 105 2.40 3.21 2.75
C SER A 105 3.24 2.11 3.39
N ASP A 106 2.59 1.11 3.98
CA ASP A 106 3.31 -0.06 4.48
C ASP A 106 3.76 -0.99 3.36
N TRP A 107 3.52 -0.61 2.11
CA TRP A 107 3.95 -1.35 0.93
C TRP A 107 3.30 -2.73 0.83
N ARG A 108 2.07 -2.80 1.34
CA ARG A 108 1.29 -4.05 1.23
C ARG A 108 0.03 -3.81 0.39
N PHE A 109 -0.56 -4.86 -0.17
CA PHE A 109 -1.75 -4.82 -1.00
C PHE A 109 -2.85 -3.93 -0.41
N LEU A 110 -3.23 -2.90 -1.17
CA LEU A 110 -4.42 -2.09 -0.92
C LEU A 110 -5.62 -2.62 -1.70
N ARG A 111 -5.47 -2.81 -3.00
CA ARG A 111 -6.56 -3.29 -3.84
C ARG A 111 -6.01 -3.62 -5.22
N GLY A 112 -6.80 -4.38 -5.98
CA GLY A 112 -6.39 -4.82 -7.29
C GLY A 112 -7.53 -4.65 -8.27
N TYR A 113 -7.19 -4.80 -9.56
CA TYR A 113 -8.20 -4.56 -10.59
C TYR A 113 -7.84 -5.35 -11.84
N HIS A 114 -8.88 -5.66 -12.62
CA HIS A 114 -8.71 -6.41 -13.86
C HIS A 114 -9.94 -6.07 -14.70
N GLN A 115 -9.75 -5.27 -15.75
CA GLN A 115 -10.85 -4.67 -16.50
C GLN A 115 -10.66 -4.93 -17.98
N TYR A 116 -11.78 -5.02 -18.70
CA TYR A 116 -11.82 -5.41 -20.09
C TYR A 116 -12.82 -4.54 -20.84
N ALA A 117 -12.44 -4.10 -22.03
CA ALA A 117 -13.27 -3.25 -22.86
C ALA A 117 -13.31 -3.80 -24.28
N TYR A 118 -14.46 -3.65 -24.94
CA TYR A 118 -14.63 -3.98 -26.35
C TYR A 118 -15.12 -2.74 -27.08
N ASP A 119 -14.37 -2.33 -28.11
CA ASP A 119 -14.69 -1.15 -28.93
C ASP A 119 -14.92 0.09 -28.07
N GLY A 120 -14.04 0.29 -27.08
CA GLY A 120 -14.06 1.50 -26.26
C GLY A 120 -15.14 1.59 -25.19
N LYS A 121 -15.87 0.50 -24.93
CA LYS A 121 -16.89 0.44 -23.89
C LYS A 121 -16.51 -0.61 -22.85
N ASP A 122 -16.79 -0.33 -21.58
CA ASP A 122 -16.71 -1.36 -20.56
C ASP A 122 -17.38 -2.64 -21.04
N TYR A 123 -16.67 -3.76 -20.88
CA TYR A 123 -17.21 -5.07 -21.21
C TYR A 123 -17.39 -5.92 -19.95
N ILE A 124 -16.31 -6.32 -19.30
CA ILE A 124 -16.43 -7.02 -18.02
C ILE A 124 -15.32 -6.55 -17.09
N ALA A 125 -15.63 -6.47 -15.80
CA ALA A 125 -14.68 -5.95 -14.83
C ALA A 125 -14.78 -6.74 -13.54
N LEU A 126 -13.62 -7.06 -12.98
CA LEU A 126 -13.57 -7.65 -11.65
C LEU A 126 -13.94 -6.57 -10.62
N LYS A 127 -14.92 -6.87 -9.76
CA LYS A 127 -15.32 -5.91 -8.75
C LYS A 127 -14.21 -5.73 -7.71
N GLU A 128 -14.31 -4.73 -6.83
CA GLU A 128 -13.19 -4.43 -5.90
C GLU A 128 -12.99 -5.55 -4.86
N ASP A 129 -14.04 -6.33 -4.61
CA ASP A 129 -13.85 -7.44 -3.68
C ASP A 129 -13.08 -8.61 -4.30
N LEU A 130 -12.76 -8.56 -5.60
CA LEU A 130 -11.98 -9.59 -6.29
C LEU A 130 -12.65 -10.97 -6.25
N ARG A 131 -13.97 -11.01 -6.05
CA ARG A 131 -14.73 -12.27 -6.04
C ARG A 131 -15.89 -12.28 -7.02
N SER A 132 -16.28 -11.14 -7.58
CA SER A 132 -17.47 -11.06 -8.41
C SER A 132 -17.16 -10.14 -9.59
N TRP A 133 -18.07 -10.14 -10.58
CA TRP A 133 -17.86 -9.45 -11.83
C TRP A 133 -18.95 -8.41 -12.09
N THR A 134 -18.53 -7.32 -12.73
CA THR A 134 -19.49 -6.30 -13.22
C THR A 134 -19.54 -6.48 -14.74
N ALA A 135 -20.67 -6.93 -15.28
CA ALA A 135 -20.80 -7.21 -16.73
C ALA A 135 -21.67 -6.12 -17.35
N ALA A 136 -21.14 -5.41 -18.34
CA ALA A 136 -21.83 -4.22 -18.90
C ALA A 136 -23.04 -4.54 -19.80
N ASP A 137 -23.13 -5.75 -20.36
CA ASP A 137 -24.21 -6.03 -21.31
C ASP A 137 -24.51 -7.53 -21.36
N MET A 138 -25.39 -7.93 -22.27
CA MET A 138 -25.82 -9.32 -22.29
C MET A 138 -24.69 -10.24 -22.75
N ALA A 139 -23.89 -9.80 -23.73
CA ALA A 139 -22.75 -10.61 -24.17
C ALA A 139 -21.76 -10.81 -23.03
N ALA A 140 -21.49 -9.77 -22.26
CA ALA A 140 -20.56 -9.89 -21.13
C ALA A 140 -21.10 -10.82 -20.06
N GLN A 141 -22.44 -10.93 -19.94
CA GLN A 141 -23.02 -11.88 -19.00
C GLN A 141 -22.68 -13.31 -19.42
N THR A 142 -22.66 -13.58 -20.72
CA THR A 142 -22.21 -14.87 -21.22
C THR A 142 -20.79 -15.16 -20.74
N THR A 143 -19.90 -14.18 -20.87
CA THR A 143 -18.53 -14.33 -20.37
C THR A 143 -18.52 -14.58 -18.87
N LYS A 144 -19.32 -13.81 -18.13
CA LYS A 144 -19.39 -13.98 -16.68
C LYS A 144 -19.81 -15.39 -16.29
N HIS A 145 -20.83 -15.96 -16.95
CA HIS A 145 -21.21 -17.34 -16.68
C HIS A 145 -20.03 -18.28 -16.88
N LYS A 146 -19.32 -18.10 -18.00
CA LYS A 146 -18.19 -18.97 -18.31
C LYS A 146 -17.05 -18.79 -17.32
N TRP A 147 -16.75 -17.55 -16.94
CA TRP A 147 -15.67 -17.31 -16.01
C TRP A 147 -16.02 -17.72 -14.59
N GLU A 148 -17.30 -17.67 -14.23
CA GLU A 148 -17.69 -18.18 -12.92
C GLU A 148 -17.53 -19.69 -12.84
N ALA A 149 -17.95 -20.41 -13.88
CA ALA A 149 -17.84 -21.87 -13.87
C ALA A 149 -16.39 -22.33 -13.88
N ALA A 150 -15.49 -21.57 -14.50
CA ALA A 150 -14.07 -21.91 -14.52
C ALA A 150 -13.30 -21.28 -13.37
N HIS A 151 -14.01 -20.63 -12.44
CA HIS A 151 -13.41 -20.02 -11.24
C HIS A 151 -12.30 -19.05 -11.60
N VAL A 152 -12.53 -18.23 -12.64
CA VAL A 152 -11.47 -17.35 -13.14
C VAL A 152 -11.05 -16.33 -12.07
N ALA A 153 -12.01 -15.84 -11.28
CA ALA A 153 -11.70 -14.74 -10.37
C ALA A 153 -10.69 -15.17 -9.31
N GLU A 154 -10.76 -16.41 -8.86
CA GLU A 154 -9.84 -16.83 -7.76
C GLU A 154 -8.40 -16.76 -8.28
N GLN A 155 -8.18 -17.21 -9.50
CA GLN A 155 -6.82 -17.26 -10.09
C GLN A 155 -6.27 -15.83 -10.26
N LEU A 156 -7.12 -14.90 -10.66
CA LEU A 156 -6.68 -13.50 -10.83
C LEU A 156 -6.42 -12.92 -9.44
N ARG A 157 -7.30 -13.24 -8.49
CA ARG A 157 -7.11 -12.76 -7.13
C ARG A 157 -5.75 -13.18 -6.56
N ALA A 158 -5.33 -14.42 -6.84
CA ALA A 158 -4.04 -14.89 -6.35
C ALA A 158 -2.90 -14.08 -6.97
N TYR A 159 -2.96 -13.84 -8.27
CA TYR A 159 -1.92 -13.03 -8.91
C TYR A 159 -1.88 -11.62 -8.34
N LEU A 160 -3.07 -11.02 -8.14
CA LEU A 160 -3.16 -9.61 -7.79
C LEU A 160 -2.75 -9.35 -6.34
N GLU A 161 -3.00 -10.31 -5.45
CA GLU A 161 -2.61 -10.23 -4.06
C GLU A 161 -1.23 -10.83 -3.78
N GLY A 162 -0.64 -11.53 -4.75
CA GLY A 162 0.62 -12.18 -4.53
C GLY A 162 1.71 -11.72 -5.49
N THR A 163 1.79 -12.36 -6.66
CA THR A 163 2.81 -12.02 -7.64
C THR A 163 2.86 -10.52 -7.90
N CYS A 164 1.70 -9.88 -8.05
CA CYS A 164 1.67 -8.47 -8.44
C CYS A 164 2.34 -7.60 -7.39
N VAL A 165 2.02 -7.82 -6.12
CA VAL A 165 2.59 -6.98 -5.08
C VAL A 165 4.07 -7.30 -4.84
N GLU A 166 4.47 -8.56 -5.01
CA GLU A 166 5.86 -8.92 -4.74
C GLU A 166 6.80 -8.40 -5.81
N TRP A 167 6.34 -8.25 -7.06
CA TRP A 167 7.20 -7.70 -8.09
C TRP A 167 7.18 -6.19 -8.07
N LEU A 168 6.07 -5.60 -7.67
CA LEU A 168 6.01 -4.12 -7.53
C LEU A 168 7.04 -3.69 -6.48
N ARG A 169 7.06 -4.38 -5.34
CA ARG A 169 8.04 -4.09 -4.25
C ARG A 169 9.47 -4.21 -4.81
N ARG A 170 9.72 -5.19 -5.66
CA ARG A 170 11.06 -5.38 -6.25
C ARG A 170 11.39 -4.21 -7.18
N TYR A 171 10.45 -3.86 -8.05
CA TYR A 171 10.73 -2.74 -8.95
C TYR A 171 10.94 -1.45 -8.17
N LEU A 172 10.12 -1.22 -7.14
CA LEU A 172 10.28 -0.01 -6.32
C LEU A 172 11.67 0.07 -5.70
N GLU A 173 12.27 -1.09 -5.37
CA GLU A 173 13.64 -1.11 -4.79
C GLU A 173 14.66 -0.88 -5.90
N ASN A 174 14.58 -1.65 -6.98
CA ASN A 174 15.57 -1.55 -8.05
C ASN A 174 15.55 -0.19 -8.72
N GLY A 175 14.38 0.46 -8.79
CA GLY A 175 14.29 1.77 -9.40
C GLY A 175 14.01 2.87 -8.40
N LYS A 176 14.66 2.79 -7.24
CA LYS A 176 14.41 3.73 -6.15
C LYS A 176 14.59 5.19 -6.60
N GLU A 177 15.61 5.45 -7.40
CA GLU A 177 15.86 6.87 -7.74
C GLU A 177 14.70 7.43 -8.60
N THR A 178 14.11 6.62 -9.48
CA THR A 178 13.09 7.11 -10.38
C THR A 178 11.69 7.03 -9.75
N LEU A 179 11.43 5.97 -9.00
CA LEU A 179 10.07 5.67 -8.55
C LEU A 179 9.74 6.25 -7.18
N GLN A 180 10.71 6.29 -6.27
CA GLN A 180 10.46 6.80 -4.92
C GLN A 180 10.78 8.28 -4.83
N ARG A 181 10.37 9.05 -5.82
CA ARG A 181 10.70 10.46 -5.88
C ARG A 181 9.44 11.28 -6.08
N THR A 182 9.53 12.54 -5.71
CA THR A 182 8.48 13.50 -5.99
C THR A 182 9.15 14.79 -6.44
N ASP A 183 8.73 15.30 -7.61
CA ASP A 183 9.24 16.56 -8.16
C ASP A 183 8.10 17.57 -8.11
N ALA A 184 8.27 18.61 -7.30
CA ALA A 184 7.21 19.59 -7.14
C ALA A 184 7.08 20.45 -8.40
N PRO A 185 5.88 20.92 -8.73
CA PRO A 185 5.71 21.73 -9.94
C PRO A 185 6.41 23.07 -9.82
N LYS A 186 7.03 23.49 -10.92
CA LYS A 186 7.49 24.87 -11.08
C LYS A 186 6.35 25.67 -11.70
N THR A 187 5.88 26.70 -10.99
CA THR A 187 4.63 27.37 -11.33
C THR A 187 4.85 28.83 -11.74
N HIS A 188 4.00 29.29 -12.67
CA HIS A 188 3.90 30.70 -13.01
C HIS A 188 2.60 30.91 -13.78
N MET A 189 2.29 32.17 -14.03
CA MET A 189 1.15 32.58 -14.83
C MET A 189 1.62 33.49 -15.95
N THR A 190 0.94 33.40 -17.11
CA THR A 190 1.24 34.26 -18.24
C THR A 190 0.02 35.12 -18.55
N HIS A 191 0.28 36.26 -19.16
CA HIS A 191 -0.75 37.26 -19.43
C HIS A 191 -0.56 37.75 -20.85
N HIS A 192 -1.62 37.63 -21.66
CA HIS A 192 -1.57 38.11 -23.04
C HIS A 192 -2.92 38.68 -23.45
N ALA A 193 -2.91 39.89 -23.96
CA ALA A 193 -4.13 40.49 -24.46
C ALA A 193 -4.59 39.77 -25.72
N VAL A 194 -5.91 39.56 -25.82
CA VAL A 194 -6.49 39.04 -27.05
C VAL A 194 -7.24 40.11 -27.82
N SER A 195 -7.51 41.25 -27.21
CA SER A 195 -8.10 42.42 -27.85
C SER A 195 -7.88 43.60 -26.92
N ASP A 196 -8.55 44.72 -27.22
CA ASP A 196 -8.43 45.91 -26.40
C ASP A 196 -9.01 45.71 -25.02
N HIS A 197 -9.92 44.75 -24.85
CA HIS A 197 -10.67 44.66 -23.61
C HIS A 197 -10.68 43.27 -22.99
N GLU A 198 -9.91 42.31 -23.51
CA GLU A 198 -9.83 40.99 -22.89
C GLU A 198 -8.38 40.50 -22.85
N ALA A 199 -8.07 39.66 -21.86
CA ALA A 199 -6.75 39.08 -21.71
C ALA A 199 -6.88 37.59 -21.37
N THR A 200 -5.91 36.81 -21.82
CA THR A 200 -5.81 35.40 -21.45
C THR A 200 -4.87 35.27 -20.26
N LEU A 201 -5.38 34.73 -19.15
CA LEU A 201 -4.55 34.35 -18.02
C LEU A 201 -4.34 32.84 -18.08
N ARG A 202 -3.08 32.40 -18.12
CA ARG A 202 -2.78 30.98 -18.19
C ARG A 202 -1.87 30.60 -17.03
N CYS A 203 -2.28 29.61 -16.26
CA CYS A 203 -1.56 29.18 -15.08
C CYS A 203 -0.79 27.89 -15.41
N TRP A 204 0.53 27.93 -15.24
CA TRP A 204 1.41 26.86 -15.69
C TRP A 204 1.95 26.04 -14.53
N ALA A 205 2.02 24.72 -14.71
CA ALA A 205 2.74 23.82 -13.82
C ALA A 205 3.69 22.99 -14.65
N LEU A 206 4.97 22.98 -14.27
CA LEU A 206 6.00 22.38 -15.11
C LEU A 206 6.93 21.48 -14.30
N SER A 207 7.44 20.45 -14.97
CA SER A 207 8.50 19.58 -14.43
C SER A 207 8.06 18.89 -13.13
N PHE A 208 6.84 18.38 -13.10
CA PHE A 208 6.40 17.73 -11.87
C PHE A 208 6.25 16.22 -12.08
N TYR A 209 6.34 15.49 -10.96
CA TYR A 209 6.16 14.04 -10.92
C TYR A 209 5.69 13.69 -9.51
N PRO A 210 4.68 12.81 -9.37
CA PRO A 210 3.95 12.08 -10.41
C PRO A 210 2.92 12.97 -11.13
N ALA A 211 2.14 12.39 -12.04
CA ALA A 211 1.29 13.18 -12.94
C ALA A 211 0.10 13.82 -12.25
N GLU A 212 -0.39 13.23 -11.16
CA GLU A 212 -1.57 13.75 -10.48
C GLU A 212 -1.36 15.18 -10.00
N ILE A 213 -2.29 16.06 -10.38
CA ILE A 213 -2.20 17.48 -10.02
C ILE A 213 -3.58 18.11 -10.20
N THR A 214 -3.81 19.23 -9.51
CA THR A 214 -5.03 20.00 -9.64
C THR A 214 -4.67 21.46 -9.87
N LEU A 215 -5.19 22.05 -10.95
CA LEU A 215 -5.02 23.49 -11.27
C LEU A 215 -6.42 24.09 -11.33
N THR A 216 -6.63 25.15 -10.54
CA THR A 216 -7.97 25.77 -10.43
C THR A 216 -7.86 27.29 -10.45
N TRP A 217 -8.80 27.94 -11.12
CA TRP A 217 -8.85 29.40 -11.15
C TRP A 217 -9.98 29.87 -10.23
N GLN A 218 -9.71 30.92 -9.46
CA GLN A 218 -10.73 31.56 -8.63
C GLN A 218 -10.89 33.02 -9.02
N ARG A 219 -12.15 33.48 -9.10
CA ARG A 219 -12.47 34.89 -9.24
C ARG A 219 -13.12 35.35 -7.94
N ASP A 220 -12.45 36.24 -7.21
CA ASP A 220 -12.90 36.68 -5.89
C ASP A 220 -13.20 35.48 -4.99
N GLY A 221 -12.36 34.45 -5.10
CA GLY A 221 -12.53 33.24 -4.31
C GLY A 221 -13.56 32.26 -4.83
N GLU A 222 -14.22 32.52 -5.95
CA GLU A 222 -15.19 31.60 -6.54
C GLU A 222 -14.55 30.79 -7.65
N ASP A 223 -14.63 29.46 -7.54
CA ASP A 223 -14.09 28.59 -8.58
C ASP A 223 -14.73 28.87 -9.93
N GLN A 224 -13.90 28.94 -10.97
CA GLN A 224 -14.31 29.30 -12.31
C GLN A 224 -14.29 28.08 -13.24
N THR A 225 -14.79 26.95 -12.76
CA THR A 225 -14.62 25.68 -13.48
C THR A 225 -15.23 25.75 -14.88
N GLN A 226 -16.41 26.38 -14.99
CA GLN A 226 -17.14 26.40 -16.25
C GLN A 226 -16.47 27.26 -17.31
N ASP A 227 -15.64 28.22 -16.89
CA ASP A 227 -15.00 29.13 -17.84
C ASP A 227 -13.52 28.85 -18.02
N THR A 228 -13.01 27.77 -17.44
CA THR A 228 -11.59 27.44 -17.53
C THR A 228 -11.37 26.44 -18.67
N GLU A 229 -10.32 26.68 -19.46
CA GLU A 229 -9.81 25.66 -20.37
C GLU A 229 -8.67 24.93 -19.69
N LEU A 230 -8.88 23.65 -19.39
CA LEU A 230 -7.87 22.84 -18.70
C LEU A 230 -7.37 21.73 -19.64
N VAL A 231 -6.10 21.77 -20.03
CA VAL A 231 -5.57 20.77 -20.95
C VAL A 231 -5.24 19.49 -20.19
N GLU A 232 -5.13 18.42 -20.96
CA GLU A 232 -4.76 17.13 -20.34
C GLU A 232 -3.30 17.18 -19.90
N THR A 233 -3.04 16.65 -18.73
CA THR A 233 -1.67 16.56 -18.26
C THR A 233 -0.82 15.80 -19.27
N ARG A 234 0.35 16.34 -19.58
CA ARG A 234 1.12 15.87 -20.72
C ARG A 234 2.56 15.58 -20.32
N PRO A 235 3.19 14.58 -20.93
CA PRO A 235 4.58 14.26 -20.62
C PRO A 235 5.53 15.24 -21.30
N ALA A 236 6.57 15.65 -20.56
CA ALA A 236 7.63 16.44 -21.16
C ALA A 236 8.58 15.59 -21.98
N GLY A 237 8.64 14.29 -21.72
CA GLY A 237 9.56 13.39 -22.39
C GLY A 237 10.77 13.01 -21.55
N ASP A 238 10.99 13.69 -20.43
CA ASP A 238 12.12 13.46 -19.55
C ASP A 238 11.72 12.81 -18.23
N GLY A 239 10.51 12.24 -18.18
CA GLY A 239 10.01 11.63 -16.97
C GLY A 239 9.26 12.57 -16.04
N THR A 240 8.99 13.79 -16.48
CA THR A 240 8.16 14.74 -15.74
C THR A 240 6.98 15.16 -16.61
N PHE A 241 6.07 15.93 -16.03
CA PHE A 241 4.82 16.28 -16.67
C PHE A 241 4.59 17.78 -16.63
N GLN A 242 3.62 18.22 -17.46
CA GLN A 242 3.23 19.63 -17.56
C GLN A 242 1.72 19.69 -17.62
N LYS A 243 1.18 20.85 -17.23
CA LYS A 243 -0.25 21.11 -17.33
C LYS A 243 -0.48 22.62 -17.27
N TRP A 244 -1.56 23.07 -17.89
CA TRP A 244 -1.96 24.45 -17.69
C TRP A 244 -3.48 24.57 -17.73
N ALA A 245 -3.96 25.69 -17.19
CA ALA A 245 -5.36 26.08 -17.17
C ALA A 245 -5.45 27.57 -17.50
N ALA A 246 -6.42 27.94 -18.32
CA ALA A 246 -6.50 29.32 -18.79
C ALA A 246 -7.92 29.86 -18.69
N VAL A 247 -8.02 31.16 -18.42
CA VAL A 247 -9.28 31.88 -18.47
C VAL A 247 -9.08 33.15 -19.30
N VAL A 248 -10.17 33.58 -19.94
CA VAL A 248 -10.11 34.86 -20.69
C VAL A 248 -10.90 35.84 -19.84
N VAL A 249 -10.28 36.94 -19.49
CA VAL A 249 -10.96 37.84 -18.53
C VAL A 249 -10.99 39.27 -19.07
N PRO A 250 -11.91 40.10 -18.58
CA PRO A 250 -11.90 41.51 -18.97
C PRO A 250 -10.65 42.21 -18.47
N SER A 251 -10.00 42.97 -19.36
CA SER A 251 -8.82 43.74 -18.98
C SER A 251 -9.14 44.66 -17.81
N GLY A 252 -8.33 44.57 -16.75
CA GLY A 252 -8.53 45.34 -15.55
C GLY A 252 -8.98 44.53 -14.37
N GLN A 253 -9.53 43.33 -14.60
CA GLN A 253 -9.97 42.47 -13.51
C GLN A 253 -8.90 41.46 -13.09
N GLU A 254 -7.68 41.59 -13.62
CA GLU A 254 -6.64 40.60 -13.37
C GLU A 254 -6.46 40.31 -11.88
N GLN A 255 -6.52 41.35 -11.06
CA GLN A 255 -6.28 41.16 -9.63
C GLN A 255 -7.39 40.38 -8.94
N ARG A 256 -8.54 40.19 -9.58
CA ARG A 256 -9.58 39.33 -9.01
C ARG A 256 -9.24 37.85 -9.13
N TYR A 257 -8.39 37.47 -10.08
CA TYR A 257 -8.17 36.07 -10.43
C TYR A 257 -6.92 35.53 -9.75
N THR A 258 -7.04 34.34 -9.17
CA THR A 258 -5.93 33.62 -8.58
C THR A 258 -5.95 32.18 -9.08
N CYS A 259 -4.76 31.61 -9.22
CA CYS A 259 -4.61 30.20 -9.59
C CYS A 259 -4.12 29.40 -8.40
N HIS A 260 -4.70 28.22 -8.22
CA HIS A 260 -4.43 27.39 -7.06
C HIS A 260 -3.90 26.04 -7.55
N VAL A 261 -2.74 25.65 -7.03
CA VAL A 261 -2.04 24.44 -7.47
C VAL A 261 -1.90 23.49 -6.29
N GLN A 262 -2.31 22.24 -6.51
CA GLN A 262 -2.18 21.18 -5.51
C GLN A 262 -1.39 20.03 -6.11
N HIS A 263 -0.34 19.61 -5.40
CA HIS A 263 0.48 18.49 -5.84
C HIS A 263 1.18 17.92 -4.62
N GLU A 264 1.41 16.60 -4.63
CA GLU A 264 1.92 15.93 -3.44
C GLU A 264 3.35 16.35 -3.09
N GLY A 265 4.10 16.89 -4.05
CA GLY A 265 5.39 17.46 -3.75
C GLY A 265 5.38 18.85 -3.18
N LEU A 266 4.23 19.48 -3.11
CA LEU A 266 4.15 20.78 -2.48
C LEU A 266 3.84 20.61 -1.00
N PRO A 267 4.66 21.15 -0.09
CA PRO A 267 4.31 21.07 1.34
C PRO A 267 2.94 21.62 1.66
N LYS A 268 2.48 22.62 0.90
CA LYS A 268 1.20 23.27 1.10
C LYS A 268 0.71 23.78 -0.26
N PRO A 269 -0.60 23.84 -0.47
CA PRO A 269 -1.09 24.24 -1.80
C PRO A 269 -0.69 25.68 -2.11
N LEU A 270 -0.31 25.91 -3.38
CA LEU A 270 0.15 27.22 -3.81
C LEU A 270 -1.00 28.04 -4.36
N THR A 271 -0.98 29.34 -4.05
CA THR A 271 -1.85 30.32 -4.69
C THR A 271 -0.97 31.29 -5.45
N LEU A 272 -1.26 31.49 -6.73
CA LEU A 272 -0.53 32.48 -7.53
C LEU A 272 -1.44 33.68 -7.79
N ARG A 273 -0.88 34.88 -7.65
CA ARG A 273 -1.66 36.10 -7.76
C ARG A 273 -1.03 37.06 -8.75
N TRP A 274 -1.83 38.01 -9.22
CA TRP A 274 -1.37 39.01 -10.16
C TRP A 274 -0.90 40.30 -9.48
N GLU A 275 -0.73 40.26 -8.17
CA GLU A 275 -0.25 41.43 -7.39
C GLU A 275 0.55 40.89 -6.18
N MET B 1 -20.33 2.78 -33.99
CA MET B 1 -19.20 2.48 -33.10
C MET B 1 -18.74 3.73 -32.34
N ILE B 2 -18.20 3.55 -31.13
CA ILE B 2 -17.67 4.67 -30.36
C ILE B 2 -16.51 5.32 -31.11
N GLN B 3 -16.53 6.65 -31.17
CA GLN B 3 -15.43 7.43 -31.73
C GLN B 3 -15.20 8.64 -30.85
N ARG B 4 -13.93 8.90 -30.49
CA ARG B 4 -13.57 10.03 -29.66
C ARG B 4 -12.44 10.80 -30.34
N THR B 5 -12.54 12.14 -30.31
CA THR B 5 -11.66 13.03 -31.06
C THR B 5 -10.33 13.21 -30.32
N PRO B 6 -9.19 13.17 -31.01
CA PRO B 6 -7.92 13.44 -30.34
C PRO B 6 -7.84 14.90 -29.89
N LYS B 7 -7.36 15.10 -28.68
CA LYS B 7 -6.97 16.42 -28.20
C LYS B 7 -5.48 16.59 -28.48
N ILE B 8 -5.11 17.66 -29.19
CA ILE B 8 -3.76 17.77 -29.76
C ILE B 8 -3.03 18.91 -29.07
N GLN B 9 -1.83 18.62 -28.56
CA GLN B 9 -0.98 19.63 -27.94
C GLN B 9 0.41 19.59 -28.56
N VAL B 10 0.94 20.75 -28.93
CA VAL B 10 2.29 20.88 -29.46
C VAL B 10 3.04 21.86 -28.58
N TYR B 11 4.24 21.46 -28.15
CA TYR B 11 4.94 22.16 -27.09
C TYR B 11 6.38 21.64 -27.05
N SER B 12 7.25 22.40 -26.39
CA SER B 12 8.61 21.96 -26.20
C SER B 12 8.80 21.39 -24.80
N ARG B 13 9.77 20.47 -24.68
CA ARG B 13 10.10 19.90 -23.38
C ARG B 13 10.55 21.00 -22.41
N HIS B 14 11.44 21.88 -22.85
CA HIS B 14 12.01 22.96 -22.07
C HIS B 14 11.63 24.29 -22.68
N PRO B 15 11.64 25.36 -21.88
CA PRO B 15 11.40 26.71 -22.44
C PRO B 15 12.33 26.99 -23.62
N ALA B 16 11.69 27.50 -24.66
CA ALA B 16 12.41 27.68 -25.92
C ALA B 16 13.43 28.81 -25.87
N GLU B 17 14.64 28.49 -26.31
CA GLU B 17 15.66 29.54 -26.46
C GLU B 17 16.27 29.38 -27.86
N ASN B 18 16.13 30.40 -28.70
CA ASN B 18 16.74 30.38 -30.05
C ASN B 18 18.20 29.92 -29.94
N GLY B 19 18.59 28.87 -30.67
CA GLY B 19 19.99 28.41 -30.70
C GLY B 19 20.32 27.28 -29.75
N LYS B 20 19.36 26.93 -28.86
CA LYS B 20 19.58 25.87 -27.85
C LYS B 20 18.75 24.63 -28.20
N SER B 21 19.41 23.48 -28.27
CA SER B 21 18.68 22.28 -28.63
C SER B 21 17.59 21.98 -27.61
N ASN B 22 16.52 21.37 -28.08
CA ASN B 22 15.32 21.17 -27.29
C ASN B 22 14.63 19.93 -27.85
N PHE B 23 13.44 19.64 -27.34
CA PHE B 23 12.64 18.53 -27.84
C PHE B 23 11.25 19.08 -28.16
N LEU B 24 10.81 18.86 -29.40
CA LEU B 24 9.47 19.23 -29.85
C LEU B 24 8.54 18.05 -29.66
N ASN B 25 7.42 18.28 -28.98
CA ASN B 25 6.45 17.25 -28.64
C ASN B 25 5.12 17.52 -29.32
N CYS B 26 4.48 16.46 -29.82
CA CYS B 26 3.06 16.48 -30.17
C CYS B 26 2.40 15.38 -29.37
N TYR B 27 1.54 15.76 -28.44
CA TYR B 27 0.84 14.83 -27.57
C TYR B 27 -0.60 14.74 -28.04
N VAL B 28 -1.06 13.52 -28.34
CA VAL B 28 -2.45 13.29 -28.72
C VAL B 28 -3.06 12.36 -27.69
N SER B 29 -4.19 12.77 -27.13
CA SER B 29 -4.82 12.00 -26.08
C SER B 29 -6.33 11.96 -26.29
N GLY B 30 -6.98 11.06 -25.54
CA GLY B 30 -8.42 10.97 -25.50
C GLY B 30 -9.11 10.48 -26.76
N PHE B 31 -8.42 9.75 -27.64
CA PHE B 31 -9.01 9.39 -28.92
C PHE B 31 -9.35 7.90 -28.97
N HIS B 32 -10.27 7.58 -29.88
CA HIS B 32 -10.72 6.20 -30.11
C HIS B 32 -11.45 6.15 -31.45
N PRO B 33 -11.18 5.16 -32.31
CA PRO B 33 -10.29 3.99 -32.17
C PRO B 33 -8.81 4.37 -32.27
N SER B 34 -7.90 3.38 -32.32
CA SER B 34 -6.48 3.68 -32.12
C SER B 34 -5.76 4.13 -33.38
N ASP B 35 -6.32 3.88 -34.56
CA ASP B 35 -5.62 4.25 -35.80
C ASP B 35 -5.58 5.77 -35.88
N ILE B 36 -4.38 6.32 -36.07
CA ILE B 36 -4.16 7.76 -36.06
C ILE B 36 -2.88 8.06 -36.81
N GLU B 37 -2.82 9.23 -37.45
CA GLU B 37 -1.66 9.67 -38.19
C GLU B 37 -1.18 10.99 -37.59
N VAL B 38 0.07 11.03 -37.16
CA VAL B 38 0.66 12.21 -36.54
C VAL B 38 1.96 12.55 -37.26
N ASP B 39 2.09 13.78 -37.72
CA ASP B 39 3.31 14.26 -38.34
C ASP B 39 3.74 15.57 -37.68
N LEU B 40 5.03 15.69 -37.39
CA LEU B 40 5.61 16.95 -36.98
C LEU B 40 6.07 17.70 -38.22
N LEU B 41 5.80 19.00 -38.27
CA LEU B 41 6.11 19.79 -39.44
C LEU B 41 7.13 20.87 -39.09
N LYS B 42 8.08 21.09 -40.00
CA LYS B 42 9.01 22.22 -39.94
C LYS B 42 8.81 23.04 -41.20
N ASN B 43 8.29 24.26 -41.04
CA ASN B 43 7.99 25.15 -42.16
C ASN B 43 7.12 24.46 -43.20
N GLY B 44 6.16 23.67 -42.72
CA GLY B 44 5.22 22.97 -43.58
C GLY B 44 5.67 21.60 -44.07
N GLU B 45 6.94 21.23 -43.90
CA GLU B 45 7.46 19.98 -44.42
C GLU B 45 7.50 18.91 -43.33
N ARG B 46 7.17 17.67 -43.70
CA ARG B 46 7.17 16.55 -42.75
C ARG B 46 8.58 16.29 -42.24
N ILE B 47 8.69 16.22 -40.93
CA ILE B 47 9.99 15.84 -40.31
C ILE B 47 10.06 14.30 -40.30
N GLU B 48 11.09 13.75 -40.92
CA GLU B 48 11.16 12.28 -41.11
C GLU B 48 11.70 11.57 -39.86
N LYS B 49 12.54 12.21 -39.08
CA LYS B 49 13.16 11.54 -37.92
C LYS B 49 12.30 11.77 -36.67
N VAL B 50 11.17 11.07 -36.56
CA VAL B 50 10.26 11.33 -35.41
C VAL B 50 9.96 10.02 -34.67
N GLU B 51 10.25 10.01 -33.37
CA GLU B 51 9.94 8.82 -32.55
C GLU B 51 8.55 8.99 -31.93
N HIS B 52 8.00 7.89 -31.43
CA HIS B 52 6.73 7.96 -30.73
C HIS B 52 6.69 6.93 -29.62
N SER B 53 5.88 7.23 -28.60
CA SER B 53 5.72 6.34 -27.46
C SER B 53 4.92 5.10 -27.84
N ASP B 54 4.94 4.11 -26.95
CA ASP B 54 4.15 2.90 -27.13
C ASP B 54 2.69 3.16 -26.78
N LEU B 55 1.80 2.62 -27.59
CA LEU B 55 0.36 2.87 -27.43
C LEU B 55 -0.11 2.47 -26.04
N SER B 56 -0.82 3.39 -25.38
CA SER B 56 -1.37 3.15 -24.06
C SER B 56 -2.73 3.83 -23.98
N PHE B 57 -3.40 3.71 -22.83
CA PHE B 57 -4.72 4.31 -22.71
C PHE B 57 -5.00 4.71 -21.27
N SER B 58 -6.00 5.59 -21.11
CA SER B 58 -6.39 6.12 -19.82
C SER B 58 -7.49 5.29 -19.20
N LYS B 59 -7.93 5.70 -18.01
CA LYS B 59 -8.90 4.94 -17.25
C LYS B 59 -10.23 4.83 -18.00
N ASP B 60 -10.55 5.81 -18.85
CA ASP B 60 -11.77 5.80 -19.64
C ASP B 60 -11.60 5.09 -21.00
N TRP B 61 -10.51 4.36 -21.18
CA TRP B 61 -10.18 3.53 -22.34
C TRP B 61 -9.74 4.34 -23.55
N SER B 62 -9.64 5.66 -23.46
CA SER B 62 -9.18 6.43 -24.60
C SER B 62 -7.65 6.40 -24.69
N PHE B 63 -7.15 6.42 -25.92
CA PHE B 63 -5.73 6.22 -26.21
C PHE B 63 -4.96 7.52 -26.09
N TYR B 64 -3.65 7.41 -25.85
CA TYR B 64 -2.74 8.55 -25.88
C TYR B 64 -1.40 8.12 -26.47
N LEU B 65 -0.75 9.08 -27.14
CA LEU B 65 0.51 8.87 -27.82
C LEU B 65 1.31 10.17 -27.78
N LEU B 66 2.62 10.05 -27.55
CA LEU B 66 3.55 11.16 -27.65
C LEU B 66 4.45 10.95 -28.86
N TYR B 67 4.46 11.93 -29.76
CA TYR B 67 5.42 12.00 -30.85
C TYR B 67 6.42 13.11 -30.54
N TYR B 68 7.69 12.86 -30.82
CA TYR B 68 8.74 13.80 -30.40
C TYR B 68 9.96 13.71 -31.29
N THR B 69 10.65 14.85 -31.42
CA THR B 69 11.91 14.93 -32.13
C THR B 69 12.77 16.02 -31.51
N GLU B 70 14.07 15.87 -31.70
CA GLU B 70 15.03 16.91 -31.23
C GLU B 70 14.96 18.08 -32.20
N PHE B 71 15.04 19.30 -31.69
CA PHE B 71 15.10 20.44 -32.59
C PHE B 71 15.80 21.59 -31.88
N THR B 72 16.29 22.52 -32.68
CA THR B 72 16.86 23.75 -32.14
C THR B 72 16.04 24.92 -32.67
N PRO B 73 15.22 25.55 -31.84
CA PRO B 73 14.34 26.62 -32.34
C PRO B 73 15.15 27.80 -32.85
N THR B 74 14.55 28.50 -33.81
CA THR B 74 15.12 29.75 -34.36
C THR B 74 13.98 30.78 -34.40
N GLU B 75 14.24 31.96 -34.95
CA GLU B 75 13.22 33.01 -34.96
C GLU B 75 12.27 32.78 -36.15
N LYS B 76 12.81 32.31 -37.27
CA LYS B 76 11.98 32.18 -38.49
C LYS B 76 11.26 30.83 -38.56
N ASP B 77 11.83 29.79 -37.96
CA ASP B 77 11.26 28.43 -38.13
C ASP B 77 9.89 28.22 -37.47
N GLU B 78 8.89 27.83 -38.26
CA GLU B 78 7.55 27.47 -37.83
C GLU B 78 7.47 25.96 -37.70
N TYR B 79 6.97 25.50 -36.55
CA TYR B 79 6.76 24.10 -36.29
C TYR B 79 5.27 23.88 -36.03
N ALA B 80 4.80 22.68 -36.37
CA ALA B 80 3.40 22.35 -36.20
C ALA B 80 3.26 20.84 -36.14
N CYS B 81 2.09 20.39 -35.73
CA CYS B 81 1.74 18.98 -35.74
C CYS B 81 0.48 18.79 -36.56
N ARG B 82 0.47 17.79 -37.42
CA ARG B 82 -0.68 17.50 -38.28
C ARG B 82 -1.21 16.12 -37.94
N VAL B 83 -2.48 16.07 -37.59
CA VAL B 83 -3.12 14.87 -37.05
C VAL B 83 -4.30 14.50 -37.94
N ASN B 84 -4.39 13.24 -38.31
CA ASN B 84 -5.57 12.71 -38.98
C ASN B 84 -6.13 11.56 -38.18
N HIS B 85 -7.46 11.45 -38.19
CA HIS B 85 -8.20 10.49 -37.41
C HIS B 85 -9.62 10.44 -37.99
N VAL B 86 -10.31 9.32 -37.75
CA VAL B 86 -11.62 9.14 -38.35
C VAL B 86 -12.59 10.25 -37.91
N THR B 87 -12.39 10.81 -36.72
CA THR B 87 -13.29 11.87 -36.25
C THR B 87 -13.06 13.21 -36.94
N LEU B 88 -11.99 13.36 -37.71
CA LEU B 88 -11.64 14.63 -38.34
C LEU B 88 -12.00 14.59 -39.82
N SER B 89 -12.76 15.60 -40.27
CA SER B 89 -13.15 15.65 -41.67
C SER B 89 -11.96 15.91 -42.57
N GLN B 90 -10.97 16.64 -42.08
CA GLN B 90 -9.72 16.90 -42.77
C GLN B 90 -8.61 16.88 -41.74
N PRO B 91 -7.35 16.73 -42.16
CA PRO B 91 -6.26 16.75 -41.19
C PRO B 91 -6.21 18.08 -40.45
N LYS B 92 -6.02 17.98 -39.13
CA LYS B 92 -5.93 19.18 -38.27
C LYS B 92 -4.46 19.55 -38.05
N ILE B 93 -4.14 20.82 -38.26
CA ILE B 93 -2.79 21.31 -38.05
C ILE B 93 -2.80 22.26 -36.85
N VAL B 94 -2.05 21.90 -35.82
CA VAL B 94 -1.86 22.73 -34.64
C VAL B 94 -0.46 23.32 -34.73
N LYS B 95 -0.35 24.64 -34.65
CA LYS B 95 0.95 25.28 -34.75
C LYS B 95 1.58 25.42 -33.37
N TRP B 96 2.91 25.31 -33.32
CA TRP B 96 3.64 25.51 -32.08
C TRP B 96 3.67 26.99 -31.75
N ASP B 97 3.27 27.35 -30.53
CA ASP B 97 3.19 28.73 -30.07
C ASP B 97 4.06 28.83 -28.82
N ARG B 98 5.23 29.48 -28.93
CA ARG B 98 6.11 29.47 -27.77
C ARG B 98 5.74 30.53 -26.74
N ASP B 99 4.90 31.49 -27.10
CA ASP B 99 4.55 32.60 -26.21
C ASP B 99 3.33 32.30 -25.36
N MET B 100 3.03 31.04 -25.12
CA MET B 100 1.88 30.65 -24.31
C MET B 100 2.20 30.73 -22.83
N ALA C 1 5.81 -8.05 -13.10
CA ALA C 1 5.66 -9.28 -13.90
C ALA C 1 4.20 -9.49 -14.27
N VAL C 2 3.98 -9.91 -15.52
CA VAL C 2 2.61 -10.15 -16.00
C VAL C 2 2.06 -11.43 -15.39
N GLY C 3 0.73 -11.54 -15.39
CA GLY C 3 0.09 -12.80 -15.05
C GLY C 3 0.54 -13.91 -15.97
N SER C 4 0.44 -15.14 -15.44
CA SER C 4 0.94 -16.32 -16.18
C SER C 4 -0.06 -16.71 -17.27
N TYR C 5 -1.34 -16.54 -16.98
CA TYR C 5 -2.37 -16.94 -17.95
C TYR C 5 -3.62 -16.06 -17.84
N VAL C 6 -4.25 -15.78 -18.97
CA VAL C 6 -5.54 -15.05 -18.97
C VAL C 6 -6.52 -16.03 -19.62
N TYR C 7 -7.80 -15.80 -19.40
CA TYR C 7 -8.86 -16.71 -19.90
C TYR C 7 -9.64 -16.01 -21.00
N SER C 8 -10.05 -16.80 -21.98
CA SER C 8 -10.82 -16.26 -23.11
C SER C 8 -12.23 -15.83 -22.69
N VAL C 9 -12.79 -14.81 -23.37
CA VAL C 9 -14.17 -14.31 -23.08
C VAL C 9 -15.26 -15.26 -23.62
N GLY D 1 7.42 -14.82 2.97
CA GLY D 1 8.78 -14.54 2.48
C GLY D 1 9.29 -13.23 3.03
N SER D 2 8.38 -12.37 3.50
CA SER D 2 8.79 -11.05 4.01
C SER D 2 9.15 -11.15 5.49
N HIS D 3 10.03 -10.27 5.95
CA HIS D 3 10.50 -10.33 7.35
C HIS D 3 10.69 -8.93 7.93
N SER D 4 10.56 -8.84 9.24
CA SER D 4 10.79 -7.56 9.90
C SER D 4 11.51 -7.81 11.22
N MET D 5 12.30 -6.83 11.65
CA MET D 5 12.83 -6.81 13.01
C MET D 5 12.37 -5.54 13.69
N ARG D 6 11.94 -5.68 14.93
CA ARG D 6 11.37 -4.51 15.62
C ARG D 6 11.73 -4.54 17.10
N TYR D 7 12.09 -3.38 17.62
CA TYR D 7 12.35 -3.18 19.04
C TYR D 7 11.29 -2.27 19.65
N PHE D 8 10.81 -2.63 20.83
CA PHE D 8 9.73 -1.93 21.53
C PHE D 8 10.23 -1.50 22.91
N PHE D 9 10.07 -0.21 23.22
CA PHE D 9 10.56 0.36 24.47
C PHE D 9 9.43 1.08 25.19
N THR D 10 9.26 0.79 26.47
CA THR D 10 8.19 1.36 27.27
C THR D 10 8.79 1.92 28.55
N SER D 11 8.54 3.20 28.82
CA SER D 11 9.03 3.83 30.04
C SER D 11 7.88 4.52 30.74
N VAL D 12 7.73 4.25 32.03
CA VAL D 12 6.59 4.76 32.79
C VAL D 12 7.14 5.45 34.04
N SER D 13 6.78 6.71 34.23
CA SER D 13 7.19 7.38 35.45
C SER D 13 6.32 6.91 36.61
N ARG D 14 6.91 6.91 37.80
CA ARG D 14 6.20 6.57 39.04
C ARG D 14 6.61 7.58 40.10
N PRO D 15 5.95 8.74 40.14
CA PRO D 15 6.41 9.83 41.00
C PRO D 15 6.33 9.45 42.47
N GLY D 16 7.43 9.68 43.19
CA GLY D 16 7.50 9.38 44.59
C GLY D 16 7.94 7.98 44.94
N ARG D 17 7.97 7.07 43.97
CA ARG D 17 8.39 5.70 44.21
C ARG D 17 9.64 5.36 43.40
N GLY D 18 10.55 6.31 43.27
CA GLY D 18 11.83 6.03 42.66
C GLY D 18 11.83 6.14 41.14
N GLU D 19 12.84 5.48 40.56
CA GLU D 19 13.11 5.62 39.14
C GLU D 19 11.96 5.07 38.29
N PRO D 20 11.80 5.57 37.07
CA PRO D 20 10.73 5.06 36.19
C PRO D 20 10.99 3.63 35.74
N ARG D 21 9.90 2.97 35.39
CA ARG D 21 9.93 1.61 34.86
C ARG D 21 10.37 1.62 33.40
N PHE D 22 11.24 0.69 33.06
CA PHE D 22 11.76 0.58 31.70
C PHE D 22 11.73 -0.87 31.23
N ILE D 23 11.10 -1.12 30.09
CA ILE D 23 11.06 -2.46 29.50
C ILE D 23 11.37 -2.35 28.01
N ALA D 24 12.28 -3.20 27.53
CA ALA D 24 12.58 -3.28 26.12
C ALA D 24 12.43 -4.72 25.65
N VAL D 25 11.83 -4.90 24.48
CA VAL D 25 11.72 -6.22 23.86
C VAL D 25 12.04 -6.12 22.38
N GLY D 26 12.67 -7.15 21.85
CA GLY D 26 12.94 -7.24 20.43
C GLY D 26 12.25 -8.45 19.83
N TYR D 27 11.80 -8.28 18.59
CA TYR D 27 11.07 -9.31 17.86
C TYR D 27 11.68 -9.45 16.47
N VAL D 28 11.71 -10.68 15.96
CA VAL D 28 11.80 -10.90 14.52
C VAL D 28 10.45 -11.44 14.09
N ASP D 29 9.76 -10.70 13.22
CA ASP D 29 8.36 -10.97 12.92
C ASP D 29 7.55 -11.06 14.22
N ASP D 30 6.92 -12.21 14.46
CA ASP D 30 6.11 -12.39 15.66
C ASP D 30 6.79 -13.27 16.70
N THR D 31 8.12 -13.34 16.68
CA THR D 31 8.90 -14.13 17.61
C THR D 31 9.76 -13.21 18.46
N GLN D 32 9.51 -13.17 19.76
CA GLN D 32 10.36 -12.39 20.64
C GLN D 32 11.70 -13.10 20.87
N PHE D 33 12.79 -12.32 20.94
CA PHE D 33 14.09 -12.93 21.17
C PHE D 33 14.98 -12.28 22.21
N VAL D 34 14.69 -11.06 22.66
CA VAL D 34 15.45 -10.44 23.74
C VAL D 34 14.50 -9.61 24.60
N ARG D 35 14.96 -9.32 25.82
CA ARG D 35 14.24 -8.43 26.72
C ARG D 35 15.22 -7.71 27.63
N PHE D 36 14.75 -6.61 28.22
CA PHE D 36 15.44 -5.94 29.31
C PHE D 36 14.37 -5.38 30.24
N ASP D 37 14.48 -5.68 31.53
CA ASP D 37 13.50 -5.25 32.52
C ASP D 37 14.23 -4.44 33.59
N SER D 38 13.87 -3.17 33.72
CA SER D 38 14.57 -2.31 34.67
C SER D 38 14.42 -2.80 36.10
N ASP D 39 13.34 -3.52 36.41
CA ASP D 39 13.09 -3.93 37.78
C ASP D 39 13.77 -5.25 38.13
N ALA D 40 14.19 -6.04 37.14
CA ALA D 40 14.79 -7.33 37.41
C ALA D 40 16.22 -7.19 37.94
N ALA D 41 16.68 -8.24 38.62
CA ALA D 41 17.94 -8.16 39.35
C ALA D 41 19.16 -8.24 38.43
N SER D 42 19.04 -8.88 37.27
CA SER D 42 20.23 -9.15 36.46
C SER D 42 20.78 -7.88 35.82
N GLN D 43 19.91 -6.94 35.48
CA GLN D 43 20.31 -5.71 34.79
C GLN D 43 21.04 -5.99 33.49
N ARG D 44 20.65 -7.05 32.79
CA ARG D 44 21.27 -7.45 31.54
C ARG D 44 20.21 -7.61 30.46
N MET D 45 20.59 -7.32 29.21
CA MET D 45 19.78 -7.82 28.10
C MET D 45 19.81 -9.35 28.14
N GLU D 46 18.65 -9.97 27.94
CA GLU D 46 18.51 -11.39 28.20
C GLU D 46 17.93 -12.12 27.00
N PRO D 47 18.36 -13.36 26.76
CA PRO D 47 17.80 -14.14 25.65
C PRO D 47 16.37 -14.56 25.94
N ARG D 48 15.53 -14.52 24.90
CA ARG D 48 14.16 -15.02 25.00
C ARG D 48 13.78 -15.94 23.85
N ALA D 49 14.77 -16.42 23.09
CA ALA D 49 14.57 -17.41 22.04
C ALA D 49 15.80 -18.29 22.01
N PRO D 50 15.65 -19.59 21.70
CA PRO D 50 16.82 -20.49 21.71
C PRO D 50 17.91 -20.09 20.73
N TRP D 51 17.54 -19.57 19.57
CA TRP D 51 18.52 -19.31 18.52
C TRP D 51 19.39 -18.08 18.79
N ILE D 52 19.03 -17.24 19.78
CA ILE D 52 19.88 -16.10 20.13
C ILE D 52 20.90 -16.47 21.19
N GLU D 53 20.71 -17.62 21.87
CA GLU D 53 21.59 -17.96 22.98
C GLU D 53 23.03 -18.15 22.55
N GLN D 54 23.25 -18.56 21.29
CA GLN D 54 24.60 -18.81 20.79
C GLN D 54 25.41 -17.53 20.62
N GLU D 55 24.80 -16.35 20.68
CA GLU D 55 25.55 -15.10 20.59
C GLU D 55 26.52 -15.00 21.75
N GLY D 56 27.72 -14.48 21.48
CA GLY D 56 28.80 -14.50 22.44
C GLY D 56 28.73 -13.36 23.43
N PRO D 57 29.71 -13.34 24.34
CA PRO D 57 29.67 -12.34 25.43
C PRO D 57 29.79 -10.92 24.94
N GLU D 58 30.46 -10.67 23.81
CA GLU D 58 30.53 -9.32 23.26
C GLU D 58 29.14 -8.82 22.87
N TYR D 59 28.32 -9.73 22.33
CA TYR D 59 26.97 -9.36 21.96
C TYR D 59 26.16 -8.93 23.18
N TRP D 60 26.15 -9.76 24.22
CA TRP D 60 25.31 -9.47 25.38
C TRP D 60 25.81 -8.26 26.15
N ASP D 61 27.13 -8.07 26.22
CA ASP D 61 27.65 -6.85 26.84
C ASP D 61 27.27 -5.61 26.05
N GLY D 62 27.40 -5.68 24.72
CA GLY D 62 27.06 -4.53 23.90
C GLY D 62 25.58 -4.22 23.90
N GLU D 63 24.73 -5.26 23.86
CA GLU D 63 23.30 -5.02 23.89
C GLU D 63 22.88 -4.41 25.23
N THR D 64 23.47 -4.88 26.32
CA THR D 64 23.11 -4.35 27.64
C THR D 64 23.51 -2.89 27.75
N ARG D 65 24.70 -2.55 27.29
CA ARG D 65 25.16 -1.15 27.33
C ARG D 65 24.21 -0.27 26.49
N LYS D 66 23.89 -0.70 25.28
CA LYS D 66 23.06 0.12 24.37
C LYS D 66 21.64 0.27 24.93
N VAL D 67 21.06 -0.81 25.46
CA VAL D 67 19.67 -0.76 26.01
C VAL D 67 19.65 0.14 27.25
N LYS D 68 20.68 0.05 28.09
CA LYS D 68 20.73 0.96 29.24
C LYS D 68 20.86 2.41 28.79
N ALA D 69 21.47 2.64 27.63
CA ALA D 69 21.55 3.99 27.09
C ALA D 69 20.18 4.51 26.69
N HIS D 70 19.39 3.66 26.01
CA HIS D 70 18.00 4.04 25.73
C HIS D 70 17.28 4.36 27.03
N SER D 71 17.45 3.49 28.03
CA SER D 71 16.82 3.69 29.34
C SER D 71 17.11 5.07 29.90
N GLN D 72 18.34 5.49 29.81
CA GLN D 72 18.71 6.79 30.43
C GLN D 72 18.07 7.96 29.63
N THR D 73 18.08 7.89 28.30
CA THR D 73 17.47 8.93 27.44
C THR D 73 15.98 9.09 27.80
N HIS D 74 15.29 7.97 27.97
CA HIS D 74 13.86 8.02 28.28
C HIS D 74 13.61 8.55 29.68
N ARG D 75 14.54 8.36 30.58
CA ARG D 75 14.41 8.98 31.92
C ARG D 75 14.52 10.50 31.77
N VAL D 76 15.46 10.98 30.97
CA VAL D 76 15.53 12.41 30.73
C VAL D 76 14.27 12.88 30.01
N ASP D 77 13.81 12.11 29.02
CA ASP D 77 12.63 12.49 28.24
C ASP D 77 11.40 12.71 29.10
N LEU D 78 11.21 11.88 30.12
CA LEU D 78 10.02 12.02 30.96
C LEU D 78 10.01 13.38 31.63
N GLY D 79 11.15 13.82 32.16
CA GLY D 79 11.25 15.16 32.72
C GLY D 79 11.05 16.25 31.69
N THR D 80 11.68 16.09 30.52
CA THR D 80 11.54 17.07 29.45
C THR D 80 10.08 17.25 29.05
N LEU D 81 9.38 16.12 28.83
CA LEU D 81 7.99 16.17 28.36
C LEU D 81 7.05 16.76 29.40
N ARG D 82 7.32 16.55 30.69
CA ARG D 82 6.57 17.26 31.73
C ARG D 82 6.64 18.76 31.51
N GLY D 83 7.83 19.25 31.13
CA GLY D 83 8.01 20.68 30.93
C GLY D 83 7.38 21.18 29.63
N TYR D 84 7.47 20.38 28.56
CA TYR D 84 6.82 20.77 27.32
C TYR D 84 5.32 20.91 27.52
N TYR D 85 4.71 20.04 28.32
CA TYR D 85 3.25 20.01 28.46
C TYR D 85 2.78 20.67 29.76
N ASN D 86 3.67 21.28 30.52
CA ASN D 86 3.34 21.94 31.80
C ASN D 86 2.57 21.00 32.73
N GLN D 87 3.08 19.79 32.88
CA GLN D 87 2.43 18.77 33.69
C GLN D 87 3.12 18.66 35.05
N SER D 88 2.35 18.27 36.06
CA SER D 88 2.83 18.21 37.42
C SER D 88 3.51 16.87 37.70
N GLU D 89 4.03 16.72 38.92
CA GLU D 89 4.58 15.44 39.35
C GLU D 89 3.51 14.56 40.00
N ALA D 90 2.25 14.99 40.01
CA ALA D 90 1.21 14.19 40.65
C ALA D 90 0.87 12.93 39.85
N GLY D 91 1.25 12.87 38.58
CA GLY D 91 0.74 11.85 37.67
C GLY D 91 1.84 11.01 37.06
N SER D 92 1.49 9.76 36.75
CA SER D 92 2.37 8.87 36.01
C SER D 92 2.16 9.11 34.52
N HIS D 93 3.26 9.09 33.75
CA HIS D 93 3.18 9.30 32.32
C HIS D 93 3.99 8.23 31.59
N THR D 94 3.64 8.01 30.32
CA THR D 94 4.21 6.89 29.56
C THR D 94 4.89 7.35 28.27
N VAL D 95 6.10 6.87 28.05
CA VAL D 95 6.82 7.15 26.79
C VAL D 95 6.98 5.79 26.10
N GLN D 96 6.72 5.75 24.80
CA GLN D 96 6.92 4.49 24.05
C GLN D 96 7.72 4.80 22.80
N ARG D 97 8.67 3.94 22.49
CA ARG D 97 9.49 4.04 21.29
C ARG D 97 9.48 2.70 20.56
N MET D 98 9.40 2.77 19.25
CA MET D 98 9.34 1.60 18.38
C MET D 98 10.12 1.89 17.11
N TYR D 99 11.08 1.01 16.75
CA TYR D 99 11.78 1.17 15.50
C TYR D 99 12.20 -0.19 14.96
N GLY D 100 12.53 -0.22 13.67
CA GLY D 100 12.90 -1.46 13.02
C GLY D 100 12.89 -1.33 11.50
N CYS D 101 13.09 -2.47 10.85
CA CYS D 101 13.21 -2.50 9.39
C CYS D 101 12.41 -3.67 8.84
N ASP D 102 11.94 -3.51 7.60
CA ASP D 102 11.25 -4.56 6.86
C ASP D 102 12.10 -4.98 5.67
N VAL D 103 12.11 -6.28 5.39
CA VAL D 103 12.77 -6.84 4.22
C VAL D 103 11.77 -7.70 3.45
N GLY D 104 12.04 -7.90 2.16
CA GLY D 104 11.15 -8.62 1.28
C GLY D 104 11.48 -10.09 1.19
N SER D 105 10.79 -10.77 0.28
CA SER D 105 11.00 -12.20 0.09
C SER D 105 12.46 -12.51 -0.23
N ASP D 106 13.16 -11.57 -0.86
CA ASP D 106 14.57 -11.71 -1.19
C ASP D 106 15.49 -11.10 -0.12
N TRP D 107 14.95 -10.75 1.04
CA TRP D 107 15.73 -10.21 2.17
C TRP D 107 16.39 -8.88 1.86
N ARG D 108 15.79 -8.10 0.98
CA ARG D 108 16.25 -6.75 0.71
C ARG D 108 15.33 -5.75 1.38
N PHE D 109 15.96 -4.72 1.93
CA PHE D 109 15.25 -3.64 2.66
C PHE D 109 14.08 -3.10 1.86
N LEU D 110 12.94 -2.97 2.51
CA LEU D 110 11.79 -2.34 1.83
C LEU D 110 11.61 -0.97 2.49
N ARG D 111 11.62 -0.97 3.82
CA ARG D 111 11.34 0.29 4.54
C ARG D 111 11.82 0.24 5.98
N GLY D 112 12.02 1.42 6.58
CA GLY D 112 12.36 1.51 7.98
C GLY D 112 11.35 2.40 8.70
N TYR D 113 11.43 2.40 10.02
CA TYR D 113 10.52 3.20 10.82
C TYR D 113 11.12 3.45 12.19
N HIS D 114 10.79 4.62 12.75
CA HIS D 114 11.26 4.99 14.08
C HIS D 114 10.22 5.95 14.64
N GLN D 115 9.46 5.49 15.63
CA GLN D 115 8.26 6.18 16.08
C GLN D 115 8.28 6.35 17.59
N TYR D 116 7.58 7.37 18.06
CA TYR D 116 7.65 7.80 19.45
C TYR D 116 6.29 8.31 19.89
N ALA D 117 5.86 7.89 21.07
CA ALA D 117 4.55 8.25 21.59
C ALA D 117 4.66 8.68 23.05
N TYR D 118 3.87 9.68 23.42
CA TYR D 118 3.77 10.14 24.80
C TYR D 118 2.31 10.02 25.24
N ASP D 119 2.10 9.31 26.35
CA ASP D 119 0.77 9.04 26.90
C ASP D 119 -0.18 8.47 25.85
N GLY D 120 0.30 7.46 25.13
CA GLY D 120 -0.53 6.68 24.23
C GLY D 120 -0.86 7.31 22.90
N LYS D 121 -0.28 8.47 22.60
CA LYS D 121 -0.59 9.18 21.35
C LYS D 121 0.70 9.48 20.56
N ASP D 122 0.58 9.47 19.25
CA ASP D 122 1.71 9.83 18.39
C ASP D 122 2.36 11.12 18.86
N TYR D 123 3.70 11.10 18.96
CA TYR D 123 4.47 12.28 19.33
C TYR D 123 5.33 12.74 18.16
N ILE D 124 6.39 12.01 17.82
CA ILE D 124 7.18 12.31 16.63
C ILE D 124 7.60 11.02 15.95
N ALA D 125 7.73 11.08 14.64
CA ALA D 125 8.08 9.86 13.89
C ALA D 125 8.87 10.23 12.64
N LEU D 126 9.77 9.32 12.26
CA LEU D 126 10.53 9.48 11.03
C LEU D 126 9.62 9.17 9.83
N LYS D 127 9.66 10.04 8.83
CA LYS D 127 8.86 9.80 7.62
C LYS D 127 9.48 8.67 6.80
N GLU D 128 8.79 8.29 5.72
CA GLU D 128 9.22 7.12 4.96
C GLU D 128 10.57 7.31 4.28
N ASP D 129 10.94 8.56 4.01
CA ASP D 129 12.25 8.87 3.37
C ASP D 129 13.41 8.73 4.39
N LEU D 130 13.08 8.63 5.68
CA LEU D 130 14.13 8.49 6.72
C LEU D 130 15.03 9.74 6.80
N ARG D 131 14.55 10.88 6.31
CA ARG D 131 15.31 12.18 6.34
C ARG D 131 14.43 13.32 6.88
N SER D 132 13.17 13.06 7.19
CA SER D 132 12.23 14.10 7.64
C SER D 132 11.38 13.58 8.80
N TRP D 133 10.77 14.50 9.54
CA TRP D 133 10.01 14.12 10.72
C TRP D 133 8.55 14.53 10.58
N THR D 134 7.68 13.72 11.15
CA THR D 134 6.27 14.04 11.36
C THR D 134 6.05 14.30 12.84
N ALA D 135 5.72 15.54 13.20
CA ALA D 135 5.47 15.92 14.58
C ALA D 135 3.98 16.15 14.78
N ALA D 136 3.44 15.58 15.84
CA ALA D 136 1.99 15.49 15.97
C ALA D 136 1.34 16.74 16.57
N ASP D 137 2.11 17.56 17.29
CA ASP D 137 1.55 18.73 17.96
C ASP D 137 2.68 19.74 18.16
N MET D 138 2.40 20.77 18.94
CA MET D 138 3.32 21.90 19.06
C MET D 138 4.58 21.49 19.83
N ALA D 139 4.41 20.71 20.90
CA ALA D 139 5.58 20.28 21.68
C ALA D 139 6.53 19.43 20.86
N ALA D 140 6.00 18.57 19.99
CA ALA D 140 6.85 17.73 19.16
C ALA D 140 7.56 18.53 18.07
N GLN D 141 7.00 19.67 17.67
CA GLN D 141 7.75 20.56 16.78
C GLN D 141 9.04 21.03 17.46
N THR D 142 8.99 21.31 18.77
CA THR D 142 10.20 21.68 19.51
C THR D 142 11.25 20.58 19.39
N THR D 143 10.86 19.33 19.65
CA THR D 143 11.76 18.21 19.45
C THR D 143 12.26 18.15 18.01
N LYS D 144 11.35 18.34 17.05
CA LYS D 144 11.74 18.32 15.63
C LYS D 144 12.85 19.32 15.34
N HIS D 145 12.72 20.56 15.85
CA HIS D 145 13.76 21.55 15.65
C HIS D 145 15.09 21.08 16.21
N LYS D 146 15.07 20.51 17.42
CA LYS D 146 16.30 20.09 18.05
C LYS D 146 16.92 18.91 17.30
N TRP D 147 16.09 18.00 16.80
CA TRP D 147 16.59 16.82 16.13
C TRP D 147 17.06 17.14 14.70
N GLU D 148 16.44 18.13 14.06
CA GLU D 148 16.95 18.61 12.77
C GLU D 148 18.30 19.30 12.96
N ALA D 149 18.41 20.17 13.97
CA ALA D 149 19.67 20.86 14.22
C ALA D 149 20.80 19.88 14.54
N ALA D 150 20.49 18.79 15.23
CA ALA D 150 21.48 17.83 15.66
C ALA D 150 21.69 16.70 14.65
N HIS D 151 21.00 16.74 13.50
CA HIS D 151 21.16 15.75 12.43
C HIS D 151 20.87 14.34 12.92
N VAL D 152 19.79 14.19 13.70
CA VAL D 152 19.44 12.90 14.27
C VAL D 152 19.02 11.91 13.19
N ALA D 153 18.25 12.38 12.20
CA ALA D 153 17.71 11.48 11.20
C ALA D 153 18.79 10.74 10.44
N GLU D 154 19.92 11.41 10.19
CA GLU D 154 21.02 10.77 9.47
C GLU D 154 21.54 9.54 10.21
N GLN D 155 21.71 9.64 11.53
CA GLN D 155 22.23 8.50 12.28
C GLN D 155 21.21 7.37 12.35
N LEU D 156 19.93 7.71 12.53
CA LEU D 156 18.91 6.66 12.56
C LEU D 156 18.77 5.98 11.21
N ARG D 157 18.81 6.74 10.10
CA ARG D 157 18.71 6.13 8.78
C ARG D 157 19.86 5.14 8.54
N ALA D 158 21.06 5.47 9.03
CA ALA D 158 22.19 4.56 8.87
C ALA D 158 21.92 3.24 9.56
N TYR D 159 21.33 3.27 10.76
CA TYR D 159 21.03 2.03 11.46
C TYR D 159 19.94 1.24 10.74
N LEU D 160 18.87 1.93 10.34
CA LEU D 160 17.72 1.25 9.76
C LEU D 160 18.06 0.59 8.43
N GLU D 161 18.85 1.27 7.59
CA GLU D 161 19.21 0.75 6.28
C GLU D 161 20.40 -0.18 6.31
N GLY D 162 21.17 -0.20 7.39
CA GLY D 162 22.37 -1.01 7.45
C GLY D 162 22.37 -2.05 8.56
N THR D 163 22.77 -1.64 9.77
CA THR D 163 22.89 -2.57 10.88
C THR D 163 21.62 -3.37 11.10
N CYS D 164 20.46 -2.70 11.01
CA CYS D 164 19.18 -3.36 11.24
C CYS D 164 19.00 -4.52 10.27
N VAL D 165 19.30 -4.29 8.98
CA VAL D 165 19.04 -5.31 7.99
C VAL D 165 20.15 -6.36 7.97
N GLU D 166 21.38 -6.00 8.32
CA GLU D 166 22.43 -7.02 8.40
C GLU D 166 22.20 -7.98 9.54
N TRP D 167 21.73 -7.48 10.70
CA TRP D 167 21.50 -8.38 11.82
C TRP D 167 20.23 -9.19 11.63
N LEU D 168 19.19 -8.60 11.04
CA LEU D 168 17.97 -9.35 10.74
C LEU D 168 18.26 -10.54 9.84
N ARG D 169 19.12 -10.36 8.83
CA ARG D 169 19.53 -11.50 8.01
C ARG D 169 20.24 -12.55 8.86
N ARG D 170 21.12 -12.11 9.75
CA ARG D 170 21.82 -13.04 10.63
C ARG D 170 20.83 -13.87 11.45
N TYR D 171 19.87 -13.20 12.09
CA TYR D 171 18.89 -13.91 12.91
C TYR D 171 18.05 -14.86 12.08
N LEU D 172 17.64 -14.42 10.89
CA LEU D 172 16.87 -15.28 9.99
C LEU D 172 17.65 -16.54 9.64
N GLU D 173 18.97 -16.44 9.57
CA GLU D 173 19.80 -17.63 9.26
C GLU D 173 20.02 -18.48 10.51
N ASN D 174 20.35 -17.88 11.65
CA ASN D 174 20.61 -18.69 12.84
C ASN D 174 19.35 -19.37 13.35
N GLY D 175 18.19 -18.75 13.17
CA GLY D 175 16.95 -19.39 13.58
C GLY D 175 16.02 -19.73 12.44
N LYS D 176 16.56 -20.28 11.37
CA LYS D 176 15.76 -20.68 10.19
C LYS D 176 14.59 -21.58 10.62
N GLU D 177 14.84 -22.55 11.51
CA GLU D 177 13.83 -23.50 11.98
C GLU D 177 12.60 -22.80 12.53
N THR D 178 12.80 -21.73 13.31
CA THR D 178 11.72 -20.98 13.94
C THR D 178 11.18 -19.86 13.06
N LEU D 179 12.08 -19.10 12.43
CA LEU D 179 11.71 -17.84 11.80
C LEU D 179 11.31 -17.98 10.34
N GLN D 180 11.95 -18.89 9.61
CA GLN D 180 11.63 -19.13 8.20
C GLN D 180 10.58 -20.22 8.03
N ARG D 181 9.63 -20.32 8.95
CA ARG D 181 8.61 -21.32 8.88
C ARG D 181 7.26 -20.67 8.64
N THR D 182 6.36 -21.45 8.08
CA THR D 182 4.96 -21.07 7.99
C THR D 182 4.14 -22.26 8.47
N ASP D 183 3.27 -22.02 9.43
CA ASP D 183 2.33 -23.03 9.93
C ASP D 183 0.95 -22.59 9.46
N ALA D 184 0.34 -23.37 8.58
CA ALA D 184 -0.99 -23.05 8.12
C ALA D 184 -2.00 -23.24 9.25
N PRO D 185 -3.04 -22.42 9.31
CA PRO D 185 -4.06 -22.60 10.34
C PRO D 185 -4.82 -23.91 10.15
N LYS D 186 -5.06 -24.59 11.27
CA LYS D 186 -6.03 -25.68 11.31
C LYS D 186 -7.41 -25.08 11.60
N THR D 187 -8.36 -25.30 10.70
CA THR D 187 -9.61 -24.53 10.72
C THR D 187 -10.79 -25.44 10.99
N HIS D 188 -11.82 -24.88 11.64
CA HIS D 188 -13.11 -25.53 11.82
C HIS D 188 -14.11 -24.50 12.30
N MET D 189 -15.37 -24.89 12.31
CA MET D 189 -16.49 -24.04 12.70
C MET D 189 -17.27 -24.77 13.78
N THR D 190 -17.74 -24.04 14.80
CA THR D 190 -18.59 -24.62 15.83
C THR D 190 -19.99 -24.05 15.73
N HIS D 191 -20.97 -24.82 16.18
CA HIS D 191 -22.38 -24.45 16.12
C HIS D 191 -23.00 -24.67 17.48
N HIS D 192 -23.57 -23.62 18.07
CA HIS D 192 -24.22 -23.75 19.37
C HIS D 192 -25.47 -22.88 19.42
N ALA D 193 -26.60 -23.49 19.77
CA ALA D 193 -27.84 -22.74 19.92
C ALA D 193 -27.73 -21.77 21.09
N VAL D 194 -28.29 -20.57 20.91
CA VAL D 194 -28.44 -19.65 22.04
C VAL D 194 -29.87 -19.57 22.52
N SER D 195 -30.81 -20.12 21.76
CA SER D 195 -32.23 -20.14 22.10
C SER D 195 -32.89 -21.09 21.10
N ASP D 196 -34.22 -21.15 21.13
CA ASP D 196 -34.93 -22.02 20.20
C ASP D 196 -34.88 -21.51 18.77
N HIS D 197 -34.42 -20.27 18.59
CA HIS D 197 -34.52 -19.65 17.25
C HIS D 197 -33.22 -19.04 16.74
N GLU D 198 -32.15 -19.09 17.54
CA GLU D 198 -30.86 -18.51 17.13
C GLU D 198 -29.68 -19.42 17.49
N ALA D 199 -28.64 -19.37 16.66
CA ALA D 199 -27.44 -20.16 16.89
C ALA D 199 -26.19 -19.31 16.69
N THR D 200 -25.18 -19.54 17.52
CA THR D 200 -23.87 -18.93 17.33
C THR D 200 -23.03 -19.80 16.39
N LEU D 201 -22.56 -19.21 15.30
CA LEU D 201 -21.60 -19.84 14.39
C LEU D 201 -20.25 -19.19 14.65
N ARG D 202 -19.27 -19.99 15.04
CA ARG D 202 -17.94 -19.48 15.36
C ARG D 202 -16.91 -20.17 14.48
N CYS D 203 -16.13 -19.37 13.76
CA CYS D 203 -15.14 -19.85 12.82
C CYS D 203 -13.76 -19.78 13.45
N TRP D 204 -13.05 -20.90 13.48
CA TRP D 204 -11.81 -21.01 14.26
C TRP D 204 -10.60 -21.21 13.37
N ALA D 205 -9.48 -20.58 13.74
CA ALA D 205 -8.18 -20.82 13.13
C ALA D 205 -7.19 -21.06 14.25
N LEU D 206 -6.50 -22.22 14.20
CA LEU D 206 -5.65 -22.65 15.28
C LEU D 206 -4.25 -23.03 14.78
N SER D 207 -3.25 -22.82 15.64
CA SER D 207 -1.89 -23.31 15.43
C SER D 207 -1.23 -22.70 14.21
N PHE D 208 -1.38 -21.40 14.00
CA PHE D 208 -0.80 -20.81 12.81
C PHE D 208 0.34 -19.86 13.14
N TYR D 209 1.24 -19.69 12.18
CA TYR D 209 2.37 -18.77 12.27
C TYR D 209 2.73 -18.33 10.86
N PRO D 210 2.96 -17.04 10.60
CA PRO D 210 2.94 -15.91 11.54
C PRO D 210 1.54 -15.50 11.97
N ALA D 211 1.41 -14.39 12.71
CA ALA D 211 0.14 -14.01 13.31
C ALA D 211 -0.85 -13.41 12.32
N GLU D 212 -0.38 -12.90 11.18
CA GLU D 212 -1.26 -12.25 10.23
C GLU D 212 -2.26 -13.23 9.65
N ILE D 213 -3.54 -12.86 9.69
CA ILE D 213 -4.62 -13.72 9.21
C ILE D 213 -5.87 -12.88 9.05
N THR D 214 -6.77 -13.31 8.16
CA THR D 214 -8.08 -12.70 7.97
C THR D 214 -9.15 -13.77 8.02
N LEU D 215 -10.12 -13.59 8.92
CA LEU D 215 -11.31 -14.43 9.01
C LEU D 215 -12.53 -13.56 8.70
N THR D 216 -13.40 -14.04 7.83
CA THR D 216 -14.56 -13.27 7.39
C THR D 216 -15.77 -14.17 7.23
N TRP D 217 -16.95 -13.66 7.57
CA TRP D 217 -18.21 -14.38 7.40
C TRP D 217 -18.96 -13.80 6.21
N GLN D 218 -19.55 -14.68 5.40
CA GLN D 218 -20.43 -14.30 4.30
C GLN D 218 -21.81 -14.93 4.48
N ARG D 219 -22.85 -14.18 4.10
CA ARG D 219 -24.21 -14.68 3.99
C ARG D 219 -24.64 -14.55 2.54
N ASP D 220 -24.87 -15.69 1.86
CA ASP D 220 -25.16 -15.69 0.43
C ASP D 220 -24.11 -14.90 -0.34
N GLY D 221 -22.85 -15.06 0.05
CA GLY D 221 -21.76 -14.37 -0.61
C GLY D 221 -21.52 -12.93 -0.19
N GLU D 222 -22.39 -12.34 0.63
CA GLU D 222 -22.25 -10.95 1.04
C GLU D 222 -21.54 -10.88 2.38
N ASP D 223 -20.52 -10.02 2.47
CA ASP D 223 -19.78 -9.91 3.72
C ASP D 223 -20.69 -9.42 4.83
N GLN D 224 -20.45 -9.93 6.04
CA GLN D 224 -21.28 -9.65 7.20
C GLN D 224 -20.52 -8.85 8.25
N THR D 225 -19.77 -7.85 7.79
CA THR D 225 -18.75 -7.20 8.61
C THR D 225 -19.33 -6.66 9.91
N GLN D 226 -20.44 -5.93 9.82
CA GLN D 226 -21.00 -5.24 10.97
C GLN D 226 -21.65 -6.20 11.97
N ASP D 227 -21.91 -7.44 11.59
CA ASP D 227 -22.54 -8.40 12.48
C ASP D 227 -21.56 -9.46 12.98
N THR D 228 -20.28 -9.31 12.71
CA THR D 228 -19.28 -10.29 13.06
C THR D 228 -18.55 -9.85 14.31
N GLU D 229 -18.42 -10.74 15.30
CA GLU D 229 -17.54 -10.50 16.43
C GLU D 229 -16.18 -11.11 16.12
N LEU D 230 -15.15 -10.29 16.13
CA LEU D 230 -13.78 -10.71 15.78
C LEU D 230 -12.88 -10.48 16.99
N VAL D 231 -12.31 -11.56 17.55
CA VAL D 231 -11.38 -11.38 18.66
C VAL D 231 -9.99 -11.07 18.15
N GLU D 232 -9.20 -10.40 19.00
CA GLU D 232 -7.81 -10.14 18.68
C GLU D 232 -7.05 -11.44 18.54
N THR D 233 -6.17 -11.52 17.56
CA THR D 233 -5.30 -12.69 17.42
C THR D 233 -4.49 -12.86 18.70
N ARG D 234 -4.43 -14.09 19.21
CA ARG D 234 -3.90 -14.36 20.53
C ARG D 234 -2.85 -15.46 20.48
N PRO D 235 -1.85 -15.39 21.35
CA PRO D 235 -0.81 -16.42 21.36
C PRO D 235 -1.26 -17.68 22.07
N ALA D 236 -0.89 -18.82 21.48
CA ALA D 236 -1.13 -20.11 22.14
C ALA D 236 -0.12 -20.37 23.25
N GLY D 237 1.03 -19.71 23.20
CA GLY D 237 2.10 -19.90 24.15
C GLY D 237 3.20 -20.81 23.65
N ASP D 238 2.96 -21.53 22.55
CA ASP D 238 3.91 -22.46 21.96
C ASP D 238 4.56 -21.92 20.69
N GLY D 239 4.44 -20.62 20.42
CA GLY D 239 4.96 -20.05 19.20
C GLY D 239 3.97 -19.98 18.06
N THR D 240 2.72 -20.41 18.27
CA THR D 240 1.65 -20.29 17.28
C THR D 240 0.56 -19.39 17.82
N PHE D 241 -0.41 -19.07 16.95
CA PHE D 241 -1.48 -18.13 17.28
C PHE D 241 -2.85 -18.76 17.03
N GLN D 242 -3.87 -18.09 17.57
CA GLN D 242 -5.27 -18.48 17.44
C GLN D 242 -6.11 -17.24 17.17
N LYS D 243 -7.26 -17.45 16.54
CA LYS D 243 -8.23 -16.38 16.29
C LYS D 243 -9.57 -17.01 15.96
N TRP D 244 -10.66 -16.34 16.33
CA TRP D 244 -11.98 -16.76 15.90
C TRP D 244 -12.84 -15.55 15.55
N ALA D 245 -13.90 -15.83 14.78
CA ALA D 245 -14.92 -14.87 14.38
C ALA D 245 -16.28 -15.55 14.49
N ALA D 246 -17.27 -14.82 15.02
CA ALA D 246 -18.56 -15.40 15.31
C ALA D 246 -19.68 -14.53 14.78
N VAL D 247 -20.79 -15.18 14.38
CA VAL D 247 -22.03 -14.50 14.05
C VAL D 247 -23.16 -15.24 14.74
N VAL D 248 -24.23 -14.50 15.03
CA VAL D 248 -25.44 -15.09 15.60
C VAL D 248 -26.50 -15.06 14.51
N VAL D 249 -27.01 -16.24 14.15
CA VAL D 249 -27.86 -16.38 12.96
C VAL D 249 -29.18 -17.04 13.34
N PRO D 250 -30.23 -16.80 12.56
CA PRO D 250 -31.50 -17.51 12.78
C PRO D 250 -31.35 -18.99 12.47
N SER D 251 -31.86 -19.84 13.37
CA SER D 251 -31.83 -21.28 13.16
C SER D 251 -32.51 -21.65 11.84
N GLY D 252 -31.84 -22.47 11.03
CA GLY D 252 -32.33 -22.85 9.73
C GLY D 252 -31.61 -22.18 8.58
N GLN D 253 -30.95 -21.05 8.83
CA GLN D 253 -30.22 -20.32 7.81
C GLN D 253 -28.73 -20.66 7.79
N GLU D 254 -28.33 -21.70 8.54
CA GLU D 254 -26.91 -22.02 8.65
C GLU D 254 -26.25 -22.18 7.29
N GLN D 255 -26.91 -22.86 6.35
CA GLN D 255 -26.29 -23.11 5.06
C GLN D 255 -26.07 -21.83 4.24
N ARG D 256 -26.69 -20.72 4.60
CA ARG D 256 -26.37 -19.48 3.91
C ARG D 256 -25.00 -18.93 4.30
N TYR D 257 -24.45 -19.36 5.43
CA TYR D 257 -23.26 -18.71 5.99
C TYR D 257 -22.01 -19.52 5.67
N THR D 258 -20.96 -18.83 5.28
CA THR D 258 -19.65 -19.42 5.00
C THR D 258 -18.58 -18.56 5.67
N CYS D 259 -17.53 -19.22 6.16
CA CYS D 259 -16.39 -18.54 6.72
C CYS D 259 -15.20 -18.67 5.78
N HIS D 260 -14.39 -17.61 5.73
CA HIS D 260 -13.31 -17.50 4.78
C HIS D 260 -12.02 -17.16 5.51
N VAL D 261 -10.98 -17.94 5.24
CA VAL D 261 -9.72 -17.85 5.97
C VAL D 261 -8.58 -17.61 4.97
N GLN D 262 -7.81 -16.56 5.20
CA GLN D 262 -6.65 -16.23 4.38
C GLN D 262 -5.41 -16.23 5.26
N HIS D 263 -4.36 -16.90 4.80
CA HIS D 263 -3.11 -17.01 5.54
C HIS D 263 -2.02 -17.42 4.58
N GLU D 264 -0.81 -16.91 4.80
CA GLU D 264 0.25 -17.17 3.85
C GLU D 264 0.66 -18.64 3.83
N GLY D 265 0.35 -19.40 4.88
CA GLY D 265 0.64 -20.82 4.91
C GLY D 265 -0.38 -21.70 4.22
N LEU D 266 -1.50 -21.15 3.79
CA LEU D 266 -2.47 -21.90 3.00
C LEU D 266 -2.10 -21.81 1.52
N PRO D 267 -2.08 -22.93 0.80
CA PRO D 267 -1.87 -22.84 -0.65
C PRO D 267 -2.96 -22.04 -1.34
N LYS D 268 -4.19 -22.10 -0.84
CA LYS D 268 -5.32 -21.33 -1.35
C LYS D 268 -6.16 -20.87 -0.18
N PRO D 269 -6.85 -19.73 -0.31
CA PRO D 269 -7.81 -19.34 0.73
C PRO D 269 -8.85 -20.44 0.92
N LEU D 270 -9.27 -20.63 2.16
CA LEU D 270 -10.21 -21.69 2.51
C LEU D 270 -11.62 -21.12 2.68
N THR D 271 -12.61 -21.88 2.23
CA THR D 271 -14.01 -21.59 2.49
C THR D 271 -14.58 -22.77 3.27
N LEU D 272 -15.09 -22.50 4.47
CA LEU D 272 -15.75 -23.52 5.27
C LEU D 272 -17.25 -23.32 5.22
N ARG D 273 -17.99 -24.43 5.14
CA ARG D 273 -19.43 -24.41 4.91
C ARG D 273 -20.14 -25.31 5.92
N TRP D 274 -21.44 -25.08 6.05
CA TRP D 274 -22.28 -25.91 6.91
C TRP D 274 -23.03 -26.97 6.11
N GLU D 275 -22.57 -27.27 4.91
CA GLU D 275 -23.21 -28.24 4.03
C GLU D 275 -22.15 -28.86 3.14
N MET E 1 -6.39 12.40 29.56
CA MET E 1 -5.39 11.46 29.10
C MET E 1 -6.04 10.23 28.46
N ILE E 2 -5.37 9.67 27.45
CA ILE E 2 -5.87 8.49 26.77
C ILE E 2 -5.98 7.31 27.73
N GLN E 3 -7.11 6.63 27.63
CA GLN E 3 -7.29 5.38 28.40
C GLN E 3 -7.98 4.37 27.46
N ARG E 4 -7.45 3.16 27.40
CA ARG E 4 -8.03 2.11 26.54
C ARG E 4 -8.31 0.86 27.38
N THR E 5 -9.50 0.28 27.19
CA THR E 5 -9.92 -0.85 28.06
C THR E 5 -9.28 -2.16 27.60
N PRO E 6 -8.81 -3.02 28.52
CA PRO E 6 -8.28 -4.33 28.09
C PRO E 6 -9.36 -5.22 27.52
N LYS E 7 -9.03 -5.90 26.42
CA LYS E 7 -9.83 -7.00 25.90
C LYS E 7 -9.27 -8.31 26.48
N ILE E 8 -10.11 -9.07 27.18
CA ILE E 8 -9.68 -10.19 28.01
C ILE E 8 -10.16 -11.48 27.36
N GLN E 9 -9.24 -12.42 27.14
CA GLN E 9 -9.56 -13.73 26.60
C GLN E 9 -8.96 -14.81 27.49
N VAL E 10 -9.75 -15.82 27.86
CA VAL E 10 -9.29 -16.94 28.68
C VAL E 10 -9.50 -18.22 27.88
N TYR E 11 -8.46 -19.05 27.79
CA TYR E 11 -8.48 -20.14 26.83
C TYR E 11 -7.32 -21.07 27.12
N SER E 12 -7.42 -22.30 26.63
CA SER E 12 -6.34 -23.26 26.74
C SER E 12 -5.48 -23.26 25.48
N ARG E 13 -4.21 -23.64 25.65
CA ARG E 13 -3.30 -23.75 24.51
C ARG E 13 -3.81 -24.77 23.51
N HIS E 14 -4.17 -25.97 23.99
CA HIS E 14 -4.65 -27.10 23.21
C HIS E 14 -6.11 -27.39 23.54
N PRO E 15 -6.84 -28.08 22.65
CA PRO E 15 -8.21 -28.48 22.98
C PRO E 15 -8.26 -29.18 24.34
N ALA E 16 -9.23 -28.80 25.16
CA ALA E 16 -9.27 -29.27 26.53
C ALA E 16 -9.74 -30.71 26.59
N GLU E 17 -9.00 -31.54 27.32
CA GLU E 17 -9.36 -32.95 27.52
C GLU E 17 -9.09 -33.28 28.98
N ASN E 18 -10.12 -33.72 29.70
CA ASN E 18 -9.97 -33.97 31.12
C ASN E 18 -8.88 -34.99 31.37
N GLY E 19 -7.94 -34.65 32.25
CA GLY E 19 -6.87 -35.56 32.61
C GLY E 19 -5.62 -35.43 31.80
N LYS E 20 -5.61 -34.62 30.73
CA LYS E 20 -4.38 -34.31 30.02
C LYS E 20 -3.87 -32.93 30.43
N SER E 21 -2.59 -32.87 30.75
CA SER E 21 -1.95 -31.60 31.04
C SER E 21 -2.05 -30.67 29.84
N ASN E 22 -2.16 -29.38 30.13
CA ASN E 22 -2.47 -28.35 29.15
C ASN E 22 -1.90 -27.05 29.69
N PHE E 23 -2.20 -25.95 29.02
CA PHE E 23 -1.81 -24.63 29.49
C PHE E 23 -3.04 -23.74 29.48
N LEU E 24 -3.26 -23.03 30.58
CA LEU E 24 -4.33 -22.07 30.72
C LEU E 24 -3.79 -20.67 30.46
N ASN E 25 -4.41 -19.95 29.52
CA ASN E 25 -3.96 -18.63 29.09
C ASN E 25 -4.99 -17.57 29.43
N CYS E 26 -4.52 -16.40 29.88
CA CYS E 26 -5.32 -15.19 29.90
C CYS E 26 -4.56 -14.11 29.14
N TYR E 27 -5.12 -13.69 28.00
CA TYR E 27 -4.50 -12.71 27.12
C TYR E 27 -5.24 -11.40 27.26
N VAL E 28 -4.53 -10.35 27.65
CA VAL E 28 -5.13 -9.02 27.76
C VAL E 28 -4.43 -8.12 26.75
N SER E 29 -5.21 -7.52 25.85
CA SER E 29 -4.65 -6.72 24.78
C SER E 29 -5.39 -5.40 24.68
N GLY E 30 -4.77 -4.46 23.98
CA GLY E 30 -5.42 -3.22 23.60
C GLY E 30 -5.64 -2.24 24.72
N PHE E 31 -4.86 -2.30 25.79
CA PHE E 31 -5.10 -1.45 26.94
C PHE E 31 -4.06 -0.35 27.03
N HIS E 32 -4.42 0.69 27.77
CA HIS E 32 -3.58 1.86 28.03
C HIS E 32 -4.18 2.66 29.19
N PRO E 33 -3.37 3.07 30.19
CA PRO E 33 -1.92 2.87 30.35
C PRO E 33 -1.53 1.43 30.69
N SER E 34 -0.25 1.16 30.95
CA SER E 34 0.25 -0.21 31.05
C SER E 34 0.00 -0.86 32.41
N ASP E 35 -0.36 -0.08 33.42
CA ASP E 35 -0.43 -0.61 34.78
C ASP E 35 -1.71 -1.43 34.89
N ILE E 36 -1.57 -2.73 35.18
CA ILE E 36 -2.70 -3.66 35.11
C ILE E 36 -2.45 -4.80 36.09
N GLU E 37 -3.54 -5.40 36.56
CA GLU E 37 -3.50 -6.53 37.48
C GLU E 37 -4.25 -7.68 36.84
N VAL E 38 -3.58 -8.83 36.72
CA VAL E 38 -4.17 -10.02 36.10
C VAL E 38 -3.91 -11.21 37.00
N ASP E 39 -4.96 -11.95 37.36
CA ASP E 39 -4.83 -13.18 38.12
C ASP E 39 -5.65 -14.29 37.48
N LEU E 40 -5.11 -15.51 37.50
CA LEU E 40 -5.85 -16.69 37.08
C LEU E 40 -6.50 -17.29 38.31
N LEU E 41 -7.76 -17.70 38.17
CA LEU E 41 -8.53 -18.23 39.29
C LEU E 41 -8.88 -19.70 39.06
N LYS E 42 -8.78 -20.49 40.12
CA LYS E 42 -9.26 -21.88 40.12
C LYS E 42 -10.31 -21.99 41.22
N ASN E 43 -11.56 -22.23 40.81
CA ASN E 43 -12.67 -22.32 41.75
C ASN E 43 -12.74 -21.08 42.64
N GLY E 44 -12.46 -19.92 42.03
CA GLY E 44 -12.51 -18.65 42.73
C GLY E 44 -11.21 -18.21 43.37
N GLU E 45 -10.25 -19.11 43.56
CA GLU E 45 -9.02 -18.80 44.30
C GLU E 45 -7.87 -18.48 43.36
N ARG E 46 -7.04 -17.53 43.79
CA ARG E 46 -5.89 -17.10 43.00
C ARG E 46 -4.90 -18.23 42.80
N ILE E 47 -4.47 -18.44 41.56
CA ILE E 47 -3.50 -19.48 41.22
C ILE E 47 -2.11 -18.91 41.42
N GLU E 48 -1.30 -19.58 42.23
CA GLU E 48 0.02 -19.08 42.53
C GLU E 48 1.00 -19.45 41.42
N LYS E 49 2.09 -18.68 41.33
CA LYS E 49 3.22 -18.97 40.46
C LYS E 49 2.86 -18.89 38.97
N VAL E 50 1.88 -18.07 38.62
CA VAL E 50 1.54 -17.86 37.22
C VAL E 50 2.63 -17.02 36.55
N GLU E 51 2.99 -17.39 35.32
CA GLU E 51 3.98 -16.63 34.56
C GLU E 51 3.30 -15.68 33.58
N HIS E 52 4.04 -14.64 33.16
CA HIS E 52 3.52 -13.69 32.20
C HIS E 52 4.61 -13.27 31.23
N SER E 53 4.18 -12.86 30.04
CA SER E 53 5.08 -12.40 28.99
C SER E 53 5.65 -11.03 29.35
N ASP E 54 6.66 -10.61 28.59
CA ASP E 54 7.23 -9.27 28.76
C ASP E 54 6.37 -8.24 28.07
N LEU E 55 6.21 -7.08 28.71
CA LEU E 55 5.31 -6.04 28.21
C LEU E 55 5.72 -5.59 26.80
N SER E 56 4.75 -5.57 25.89
CA SER E 56 4.97 -5.12 24.52
C SER E 56 3.71 -4.39 24.05
N PHE E 57 3.74 -3.84 22.85
CA PHE E 57 2.59 -3.08 22.39
C PHE E 57 2.41 -3.19 20.89
N SER E 58 1.18 -2.90 20.45
CA SER E 58 0.77 -3.07 19.08
C SER E 58 1.01 -1.79 18.28
N LYS E 59 0.66 -1.83 17.00
CA LYS E 59 0.96 -0.72 16.11
C LYS E 59 0.28 0.57 16.56
N ASP E 60 -0.85 0.47 17.28
CA ASP E 60 -1.58 1.64 17.75
C ASP E 60 -1.17 2.09 19.14
N TRP E 61 -0.06 1.56 19.67
CA TRP E 61 0.55 1.86 20.98
C TRP E 61 -0.12 1.14 22.14
N SER E 62 -1.21 0.41 21.92
CA SER E 62 -1.86 -0.31 23.01
C SER E 62 -1.02 -1.53 23.43
N PHE E 63 -1.06 -1.81 24.72
CA PHE E 63 -0.26 -2.86 25.36
C PHE E 63 -0.96 -4.21 25.27
N TYR E 64 -0.15 -5.27 25.36
CA TYR E 64 -0.69 -6.62 25.44
C TYR E 64 0.21 -7.46 26.34
N LEU E 65 -0.41 -8.39 27.07
CA LEU E 65 0.28 -9.28 27.99
C LEU E 65 -0.39 -10.65 27.95
N LEU E 66 0.43 -11.70 28.09
CA LEU E 66 -0.07 -13.06 28.22
C LEU E 66 0.30 -13.59 29.60
N TYR E 67 -0.70 -14.00 30.37
CA TYR E 67 -0.51 -14.69 31.64
C TYR E 67 -0.87 -16.15 31.44
N TYR E 68 -0.07 -17.06 31.98
CA TYR E 68 -0.27 -18.47 31.68
C TYR E 68 0.20 -19.36 32.82
N THR E 69 -0.35 -20.57 32.87
CA THR E 69 0.07 -21.57 33.87
C THR E 69 -0.27 -22.95 33.33
N GLU E 70 0.53 -23.95 33.71
CA GLU E 70 0.21 -25.32 33.30
C GLU E 70 -1.02 -25.76 34.11
N PHE E 71 -1.87 -26.57 33.50
CA PHE E 71 -3.01 -27.12 34.26
C PHE E 71 -3.56 -28.38 33.62
N THR E 72 -4.31 -29.14 34.42
CA THR E 72 -4.96 -30.34 33.93
C THR E 72 -6.45 -30.19 34.16
N PRO E 73 -7.24 -29.94 33.12
CA PRO E 73 -8.68 -29.74 33.34
C PRO E 73 -9.34 -30.98 33.92
N THR E 74 -10.43 -30.76 34.64
CA THR E 74 -11.31 -31.82 35.11
C THR E 74 -12.75 -31.41 34.81
N GLU E 75 -13.68 -32.31 35.14
CA GLU E 75 -15.10 -31.99 34.94
C GLU E 75 -15.55 -30.90 35.91
N LYS E 76 -15.03 -30.92 37.14
CA LYS E 76 -15.59 -30.09 38.21
C LYS E 76 -14.87 -28.75 38.39
N ASP E 77 -13.59 -28.65 38.02
CA ASP E 77 -12.82 -27.44 38.30
C ASP E 77 -13.23 -26.30 37.37
N GLU E 78 -13.44 -25.12 37.93
CA GLU E 78 -13.81 -23.93 37.17
C GLU E 78 -12.64 -22.96 37.16
N TYR E 79 -12.34 -22.42 35.97
CA TYR E 79 -11.22 -21.51 35.81
C TYR E 79 -11.69 -20.17 35.27
N ALA E 80 -10.96 -19.11 35.64
CA ALA E 80 -11.32 -17.77 35.17
C ALA E 80 -10.09 -16.88 35.26
N CYS E 81 -10.26 -15.66 34.76
CA CYS E 81 -9.22 -14.65 34.79
C CYS E 81 -9.83 -13.36 35.32
N ARG E 82 -9.16 -12.73 36.29
CA ARG E 82 -9.63 -11.50 36.92
C ARG E 82 -8.65 -10.38 36.61
N VAL E 83 -9.20 -9.28 36.07
CA VAL E 83 -8.39 -8.17 35.57
C VAL E 83 -8.91 -6.89 36.20
N ASN E 84 -7.99 -6.06 36.69
CA ASN E 84 -8.31 -4.69 37.08
C ASN E 84 -7.41 -3.72 36.35
N HIS E 85 -7.97 -2.54 36.05
CA HIS E 85 -7.35 -1.53 35.21
C HIS E 85 -8.10 -0.23 35.44
N VAL E 86 -7.43 0.89 35.16
CA VAL E 86 -8.04 2.19 35.48
C VAL E 86 -9.36 2.35 34.75
N THR E 87 -9.51 1.69 33.60
CA THR E 87 -10.72 1.81 32.80
C THR E 87 -11.88 0.98 33.36
N LEU E 88 -11.64 0.12 34.36
CA LEU E 88 -12.66 -0.77 34.89
C LEU E 88 -13.07 -0.27 36.28
N SER E 89 -14.37 0.01 36.46
CA SER E 89 -14.84 0.52 37.74
C SER E 89 -14.64 -0.52 38.84
N GLN E 90 -14.60 -1.80 38.48
CA GLN E 90 -14.36 -2.92 39.37
C GLN E 90 -13.62 -3.98 38.57
N PRO E 91 -12.91 -4.89 39.25
CA PRO E 91 -12.22 -5.95 38.48
C PRO E 91 -13.22 -6.84 37.75
N LYS E 92 -12.85 -7.19 36.52
CA LYS E 92 -13.68 -7.97 35.63
C LYS E 92 -13.23 -9.42 35.68
N ILE E 93 -14.19 -10.34 35.73
CA ILE E 93 -13.90 -11.77 35.74
C ILE E 93 -14.44 -12.38 34.46
N VAL E 94 -13.59 -13.09 33.74
CA VAL E 94 -13.98 -13.79 32.53
C VAL E 94 -13.79 -15.26 32.80
N LYS E 95 -14.87 -16.03 32.70
CA LYS E 95 -14.82 -17.46 32.97
C LYS E 95 -14.28 -18.23 31.77
N TRP E 96 -13.54 -19.29 32.04
CA TRP E 96 -13.07 -20.17 30.99
C TRP E 96 -14.24 -20.99 30.45
N ASP E 97 -14.49 -20.89 29.15
CA ASP E 97 -15.56 -21.62 28.48
C ASP E 97 -14.91 -22.53 27.45
N ARG E 98 -14.94 -23.84 27.71
CA ARG E 98 -14.21 -24.78 26.87
C ARG E 98 -14.99 -25.26 25.66
N ASP E 99 -16.26 -24.89 25.54
CA ASP E 99 -17.11 -25.37 24.46
C ASP E 99 -17.39 -24.28 23.41
N MET E 100 -16.48 -23.34 23.26
CA MET E 100 -16.62 -22.34 22.19
C MET E 100 -16.12 -22.89 20.85
N ALA F 1 20.16 -6.51 16.33
CA ALA F 1 20.86 -5.72 17.32
C ALA F 1 20.24 -4.34 17.47
N VAL F 2 20.21 -3.86 18.70
CA VAL F 2 19.59 -2.59 18.99
C VAL F 2 20.46 -1.45 18.47
N GLY F 3 19.84 -0.27 18.33
CA GLY F 3 20.59 0.90 17.88
C GLY F 3 21.60 1.36 18.93
N SER F 4 22.69 1.95 18.43
CA SER F 4 23.77 2.41 19.30
C SER F 4 23.46 3.80 19.83
N TYR F 5 22.83 4.63 18.99
CA TYR F 5 22.60 6.03 19.42
C TYR F 5 21.10 6.33 19.61
N VAL F 6 20.79 6.99 20.71
CA VAL F 6 19.40 7.46 21.01
C VAL F 6 19.50 8.95 21.38
N TYR F 7 18.55 9.77 20.96
CA TYR F 7 18.63 11.23 21.23
C TYR F 7 17.44 11.70 22.06
N SER F 8 17.71 12.48 23.10
CA SER F 8 16.65 12.99 24.00
C SER F 8 15.71 13.95 23.26
N VAL F 9 14.41 13.91 23.60
CA VAL F 9 13.45 14.81 22.99
C VAL F 9 13.57 16.25 23.53
#